data_4AED
#
_entry.id   4AED
#
_cell.length_a   600.200
_cell.length_b   610.600
_cell.length_c   851.800
_cell.angle_alpha   90.00
_cell.angle_beta   90.00
_cell.angle_gamma   90.00
#
_symmetry.space_group_name_H-M   'I 21 21 21'
#
loop_
_entity.id
_entity.type
_entity.pdbx_description
1 polymer VP1
2 polymer VP2
3 polymer VP3
4 polymer VP4
5 non-polymer 'LAURIC ACID'
6 non-polymer 'CALCIUM ION'
#
loop_
_entity_poly.entity_id
_entity_poly.type
_entity_poly.pdbx_seq_one_letter_code
_entity_poly.pdbx_strand_id
1 'polypeptide(L)'
;GDRVADVIESSIGDSVSRALTQALPAPTGQNTQVSSHRLDTGEVPALQAAEIGASSNTSDESMIETRCVLNSHSTAETTL
DSFFSRAGLVGEIDLPLEGTTNPNGYANWDIDITGYAQMRRKVELFTYMRFDAEFTFVACTPTGQVVPQLLQYMFVPPGA
PKPESRESLAWQTATNPSVFVKLTDPPAQVSVPFMSPASAYQWFYDGYPTFGEHKQEKDLEYGACPNNMMGTFSVRNVGS
SKSKYPLVVRIYMRMKHVRAWIPRPMRNQNYLFKANPNYAGNSIKPTGTSRTAITTL
;
A
2 'polypeptide(L)'
;SPSAEACGYSDRVAQLTIGNSTITTQEAANIIVGYGEWPSYCSDDDATAVDKPTRPDVSVNRFYTLDTKLWEKSSKGWYW
KFPDVLTETGVFGQNAQFHYLYRSGFCIHVQCNASKFHQGALLVAILPEYVIGTVAGGTGTEDSHPPYKQTQPGADGFEL
QHPYVLDAGIPISQLTVCPHQWINLRTNNCATIIVPYMNTLPFDSALNHCNFGLLVVPISPLDFDQGATPVIPITITLAP
MCSEFAGLRQAVTQ
;
B
3 'polypeptide(L)'
;GFPTEPKPGTNQFLTTDDGVSAPILPNFHPTPCIHIPGEVRNLLELCQVETILEVNNVPTNATSLMERLRFPVSAQAGKG
ELCAVFRADPGRDGPWQSTMLGQLCGYYTQWSGSLEVTFMFTGSFMATGKMLIAYTPPGGPLPKDRATAMLGTHVIWDFG
LQSSVTLVIPWISNTHYRAHARDGVFDYYTTGLVSIWYQTNYVVPIGAPNTAYIIALAAAQKNFTMKLCKDTSHILQTAS
IQ
;
C
4 'polypeptide(L)' MGSQVSTQRSGSHENSNSATEGSTINYTTINYYKDSYAATAGKQSLKQDPDKFANPVKDIFTEMAAPLK D
#
# COMPACT_ATOMS: atom_id res chain seq x y z
N ASP A 2 -21.19 30.29 34.90
CA ASP A 2 -19.74 30.01 35.07
C ASP A 2 -19.21 29.32 33.83
N ARG A 3 -20.08 28.58 33.15
CA ARG A 3 -19.73 27.88 31.94
C ARG A 3 -20.51 28.47 30.78
N VAL A 4 -19.84 28.67 29.66
CA VAL A 4 -20.51 29.23 28.48
C VAL A 4 -21.28 28.16 27.73
N ALA A 5 -21.35 26.97 28.31
CA ALA A 5 -22.06 25.84 27.72
C ALA A 5 -21.29 25.32 26.51
N ASP A 6 -20.80 26.23 25.67
CA ASP A 6 -20.04 25.85 24.49
C ASP A 6 -18.81 25.05 24.91
N VAL A 7 -18.21 25.44 26.03
CA VAL A 7 -17.02 24.78 26.56
C VAL A 7 -17.37 23.40 27.12
N ILE A 8 -18.59 23.27 27.63
CA ILE A 8 -19.05 22.01 28.20
C ILE A 8 -19.32 20.98 27.11
N GLU A 9 -19.97 21.42 26.04
CA GLU A 9 -20.32 20.55 24.92
C GLU A 9 -19.10 20.11 24.13
N SER A 10 -18.34 21.10 23.65
CA SER A 10 -17.15 20.85 22.86
C SER A 10 -16.43 19.56 23.24
N SER A 11 -16.33 18.66 22.27
CA SER A 11 -15.67 17.39 22.45
C SER A 11 -14.17 17.55 22.23
N ILE A 12 -13.77 18.75 21.83
CA ILE A 12 -12.36 19.03 21.56
C ILE A 12 -11.48 18.50 22.68
N GLY A 13 -10.58 17.57 22.34
CA GLY A 13 -9.69 16.99 23.33
C GLY A 13 -9.84 15.49 23.48
N ASP A 14 -10.42 14.83 22.47
CA ASP A 14 -10.61 13.39 22.51
C ASP A 14 -9.40 12.66 21.95
N SER A 15 -8.57 12.13 22.85
CA SER A 15 -7.38 11.39 22.45
C SER A 15 -7.81 10.03 21.94
N VAL A 16 -9.06 9.67 22.25
CA VAL A 16 -9.64 8.40 21.86
C VAL A 16 -10.15 8.41 20.42
N SER A 17 -9.61 7.52 19.59
CA SER A 17 -10.01 7.43 18.19
C SER A 17 -11.31 6.64 18.08
N ARG A 18 -12.17 7.05 17.15
CA ARG A 18 -13.47 6.40 16.95
C ARG A 18 -13.43 4.91 16.65
N ALA A 19 -12.45 4.48 15.86
CA ALA A 19 -12.32 3.07 15.50
C ALA A 19 -13.44 2.65 14.56
N LEU A 20 -14.50 2.05 15.10
CA LEU A 20 -15.65 1.59 14.31
C LEU A 20 -15.35 0.30 13.56
N THR A 21 -14.17 -0.26 13.78
CA THR A 21 -13.75 -1.50 13.12
C THR A 21 -12.91 -2.31 14.11
N GLN A 22 -13.37 -3.52 14.44
CA GLN A 22 -12.65 -4.37 15.38
C GLN A 22 -11.96 -5.57 14.75
N ALA A 23 -10.76 -5.87 15.25
CA ALA A 23 -9.97 -7.00 14.76
C ALA A 23 -10.44 -8.26 15.48
N LEU A 24 -10.79 -9.29 14.71
CA LEU A 24 -11.26 -10.55 15.28
C LEU A 24 -10.34 -11.72 14.95
N PRO A 25 -10.46 -12.82 15.71
CA PRO A 25 -9.64 -14.01 15.50
C PRO A 25 -9.89 -14.61 14.12
N ALA A 26 -8.85 -15.16 13.49
CA ALA A 26 -9.00 -15.75 12.18
C ALA A 26 -7.90 -16.75 11.87
N PRO A 27 -7.90 -17.90 12.58
CA PRO A 27 -6.89 -18.94 12.36
C PRO A 27 -7.14 -19.67 11.05
N THR A 28 -8.37 -20.14 10.86
CA THR A 28 -8.75 -20.86 9.66
C THR A 28 -9.56 -19.93 8.77
N GLY A 29 -9.38 -20.05 7.46
CA GLY A 29 -10.14 -19.21 6.55
C GLY A 29 -11.62 -19.47 6.78
N GLN A 30 -12.46 -18.54 6.37
CA GLN A 30 -13.89 -18.72 6.55
C GLN A 30 -14.39 -20.03 5.96
N ASN A 31 -15.28 -20.69 6.68
CA ASN A 31 -15.83 -21.96 6.25
C ASN A 31 -17.13 -21.69 5.50
N THR A 32 -17.28 -22.30 4.33
CA THR A 32 -18.49 -22.11 3.52
C THR A 32 -19.64 -22.94 4.07
N GLN A 33 -20.85 -22.41 3.93
CA GLN A 33 -22.04 -23.10 4.43
C GLN A 33 -23.02 -23.43 3.32
N VAL A 34 -23.93 -24.37 3.60
CA VAL A 34 -24.93 -24.79 2.63
C VAL A 34 -25.78 -23.61 2.18
N SER A 35 -26.19 -23.65 0.92
CA SER A 35 -27.03 -22.59 0.36
C SER A 35 -27.96 -23.14 -0.71
N SER A 36 -29.24 -22.88 -0.56
CA SER A 36 -30.24 -23.34 -1.52
C SER A 36 -30.58 -22.19 -2.46
N HIS A 37 -31.45 -22.46 -3.43
CA HIS A 37 -31.85 -21.44 -4.39
C HIS A 37 -32.67 -20.34 -3.72
N ARG A 38 -32.74 -19.19 -4.37
CA ARG A 38 -33.50 -18.07 -3.84
C ARG A 38 -33.91 -17.14 -4.99
N LEU A 39 -35.21 -16.91 -5.10
CA LEU A 39 -35.76 -16.07 -6.15
C LEU A 39 -36.69 -15.03 -5.55
N ASP A 40 -36.21 -13.80 -5.37
CA ASP A 40 -37.05 -12.76 -4.79
C ASP A 40 -36.60 -11.35 -5.17
N THR A 41 -37.52 -10.40 -5.03
CA THR A 41 -37.25 -9.00 -5.34
C THR A 41 -36.78 -8.26 -4.09
N GLY A 42 -36.03 -7.18 -4.30
CA GLY A 42 -35.54 -6.40 -3.18
C GLY A 42 -34.19 -6.87 -2.68
N GLU A 43 -33.85 -8.13 -2.96
CA GLU A 43 -32.58 -8.70 -2.53
C GLU A 43 -31.60 -8.78 -3.69
N VAL A 44 -30.61 -7.90 -3.69
CA VAL A 44 -29.61 -7.87 -4.76
C VAL A 44 -28.18 -8.03 -4.23
N PRO A 45 -27.84 -9.23 -3.74
CA PRO A 45 -26.50 -9.48 -3.22
C PRO A 45 -25.43 -9.10 -4.23
N ALA A 46 -25.57 -9.63 -5.45
CA ALA A 46 -24.62 -9.38 -6.52
C ALA A 46 -24.48 -7.90 -6.87
N LEU A 47 -25.60 -7.20 -7.03
CA LEU A 47 -25.56 -5.79 -7.38
C LEU A 47 -24.88 -4.94 -6.30
N GLN A 48 -23.79 -4.30 -6.72
CA GLN A 48 -23.02 -3.44 -5.82
C GLN A 48 -22.76 -2.10 -6.52
N ALA A 49 -22.00 -1.23 -5.85
CA ALA A 49 -21.66 0.07 -6.40
C ALA A 49 -20.31 0.50 -5.87
N ALA A 50 -19.25 -0.06 -6.45
CA ALA A 50 -17.88 0.25 -6.04
C ALA A 50 -17.59 1.74 -6.08
N GLU A 51 -18.53 2.51 -6.61
CA GLU A 51 -18.40 3.95 -6.71
C GLU A 51 -18.31 4.55 -5.30
N ILE A 52 -18.61 3.72 -4.31
CA ILE A 52 -18.58 4.14 -2.91
C ILE A 52 -17.17 4.02 -2.34
N GLY A 53 -16.46 2.99 -2.77
CA GLY A 53 -15.11 2.77 -2.29
C GLY A 53 -15.01 1.59 -1.35
N ALA A 54 -15.95 0.66 -1.50
CA ALA A 54 -15.99 -0.53 -0.66
C ALA A 54 -15.93 -1.80 -1.50
N SER A 55 -15.21 -2.80 -0.99
CA SER A 55 -15.06 -4.07 -1.68
C SER A 55 -16.34 -4.89 -1.53
N SER A 56 -16.97 -5.21 -2.66
CA SER A 56 -18.21 -5.98 -2.65
C SER A 56 -18.25 -7.01 -1.53
N ASN A 57 -19.32 -6.97 -0.74
CA ASN A 57 -19.49 -7.88 0.37
C ASN A 57 -20.31 -9.11 0.00
N THR A 58 -20.52 -9.31 -1.30
CA THR A 58 -21.28 -10.45 -1.78
C THR A 58 -20.57 -11.75 -1.45
N SER A 59 -21.33 -12.71 -0.92
CA SER A 59 -20.78 -14.01 -0.56
C SER A 59 -21.21 -15.11 -1.53
N ASP A 60 -20.38 -16.14 -1.64
CA ASP A 60 -20.63 -17.26 -2.53
C ASP A 60 -22.06 -17.79 -2.44
N GLU A 61 -22.53 -18.04 -1.22
CA GLU A 61 -23.87 -18.56 -0.99
C GLU A 61 -24.98 -17.84 -1.75
N SER A 62 -25.01 -16.52 -1.67
CA SER A 62 -26.04 -15.74 -2.35
C SER A 62 -25.87 -15.71 -3.86
N MET A 63 -24.80 -16.34 -4.36
CA MET A 63 -24.54 -16.39 -5.79
C MET A 63 -24.87 -17.74 -6.42
N ILE A 64 -24.49 -18.82 -5.77
CA ILE A 64 -24.77 -20.16 -6.29
C ILE A 64 -25.10 -21.13 -5.16
N GLU A 65 -25.86 -22.17 -5.50
CA GLU A 65 -26.23 -23.16 -4.50
C GLU A 65 -24.97 -23.89 -4.05
N THR A 66 -24.35 -23.36 -3.00
CA THR A 66 -23.12 -23.94 -2.46
C THR A 66 -23.40 -25.06 -1.47
N ARG A 67 -22.34 -25.77 -1.09
CA ARG A 67 -22.44 -26.86 -0.14
C ARG A 67 -21.81 -26.38 1.16
N CYS A 68 -21.46 -27.31 2.03
CA CYS A 68 -20.82 -26.96 3.29
C CYS A 68 -19.37 -27.41 3.25
N VAL A 69 -18.48 -26.54 3.71
CA VAL A 69 -17.06 -26.85 3.72
C VAL A 69 -16.41 -26.34 5.01
N LEU A 70 -15.53 -27.15 5.58
CA LEU A 70 -14.82 -26.79 6.80
C LEU A 70 -13.39 -26.41 6.46
N ASN A 71 -13.16 -25.11 6.34
CA ASN A 71 -11.84 -24.59 6.01
C ASN A 71 -10.87 -24.78 7.16
N SER A 72 -9.93 -25.70 6.98
CA SER A 72 -8.93 -25.99 7.99
C SER A 72 -7.66 -25.21 7.66
N HIS A 73 -7.62 -24.68 6.44
CA HIS A 73 -6.50 -23.91 5.95
C HIS A 73 -6.12 -22.80 6.91
N SER A 74 -4.92 -22.89 7.48
CA SER A 74 -4.45 -21.90 8.44
C SER A 74 -3.92 -20.66 7.74
N THR A 75 -4.02 -19.52 8.43
CA THR A 75 -3.56 -18.26 7.89
C THR A 75 -2.44 -17.71 8.77
N ALA A 76 -1.60 -18.62 9.27
CA ALA A 76 -0.49 -18.22 10.14
C ALA A 76 0.76 -17.83 9.35
N GLU A 77 0.85 -18.29 8.10
CA GLU A 77 2.01 -17.98 7.29
C GLU A 77 1.83 -16.70 6.49
N THR A 78 0.64 -16.13 6.56
CA THR A 78 0.37 -14.88 5.84
C THR A 78 0.39 -13.70 6.81
N THR A 79 1.14 -13.86 7.90
CA THR A 79 1.25 -12.80 8.91
C THR A 79 2.51 -11.98 8.67
N LEU A 80 2.64 -10.86 9.38
CA LEU A 80 3.79 -9.99 9.23
C LEU A 80 5.10 -10.70 9.51
N ASP A 81 5.29 -11.14 10.75
CA ASP A 81 6.51 -11.84 11.13
C ASP A 81 6.76 -13.04 10.21
N SER A 82 5.75 -13.87 10.04
CA SER A 82 5.86 -15.05 9.19
C SER A 82 6.26 -14.71 7.76
N PHE A 83 6.25 -13.42 7.43
CA PHE A 83 6.60 -12.98 6.08
C PHE A 83 7.96 -12.30 6.02
N PHE A 84 8.05 -11.14 6.67
CA PHE A 84 9.28 -10.35 6.70
C PHE A 84 10.45 -11.02 7.40
N SER A 85 10.16 -11.80 8.43
CA SER A 85 11.19 -12.49 9.20
C SER A 85 11.92 -13.55 8.39
N ARG A 86 12.64 -13.09 7.36
CA ARG A 86 13.41 -13.98 6.50
C ARG A 86 14.66 -13.25 6.05
N ALA A 87 15.81 -13.84 6.36
CA ALA A 87 17.09 -13.27 6.01
C ALA A 87 17.16 -12.90 4.53
N GLY A 88 17.84 -11.79 4.23
CA GLY A 88 17.97 -11.35 2.85
C GLY A 88 19.12 -10.38 2.67
N LEU A 89 19.69 -10.36 1.48
CA LEU A 89 20.81 -9.47 1.18
C LEU A 89 20.35 -8.02 1.18
N VAL A 90 21.06 -7.18 1.92
CA VAL A 90 20.73 -5.77 2.03
C VAL A 90 22.00 -4.92 1.98
N GLY A 91 23.14 -5.55 2.22
CA GLY A 91 24.41 -4.85 2.19
C GLY A 91 25.49 -5.67 1.52
N GLU A 92 26.57 -5.00 1.12
CA GLU A 92 27.68 -5.68 0.45
C GLU A 92 28.88 -4.74 0.37
N ILE A 93 29.95 -5.09 1.09
CA ILE A 93 31.16 -4.28 1.10
C ILE A 93 32.30 -4.99 0.38
N ASP A 94 33.21 -4.22 -0.21
CA ASP A 94 34.34 -4.78 -0.95
C ASP A 94 35.67 -4.20 -0.49
N LEU A 95 36.53 -5.05 0.07
CA LEU A 95 37.85 -4.63 0.53
C LEU A 95 38.93 -5.37 -0.25
N PRO A 96 39.12 -5.01 -1.53
CA PRO A 96 40.11 -5.63 -2.40
C PRO A 96 41.54 -5.17 -2.11
N LEU A 97 42.51 -5.91 -2.66
CA LEU A 97 43.92 -5.59 -2.48
C LEU A 97 44.29 -4.48 -3.47
N GLU A 98 43.89 -4.67 -4.71
CA GLU A 98 44.16 -3.71 -5.78
C GLU A 98 42.87 -3.02 -6.18
N GLY A 99 42.97 -1.77 -6.61
CA GLY A 99 41.79 -1.03 -7.02
C GLY A 99 41.74 0.36 -6.42
N THR A 100 40.67 1.08 -6.73
CA THR A 100 40.48 2.44 -6.24
C THR A 100 39.30 2.53 -5.27
N THR A 101 38.50 1.47 -5.24
CA THR A 101 37.32 1.41 -4.37
C THR A 101 37.64 1.48 -2.88
N ASN A 102 38.24 0.43 -2.34
CA ASN A 102 38.57 0.41 -0.93
C ASN A 102 40.00 0.04 -0.57
N PRO A 103 40.95 0.94 -0.85
CA PRO A 103 42.34 0.65 -0.51
C PRO A 103 42.49 0.95 0.98
N ASN A 104 43.73 0.97 1.47
CA ASN A 104 44.00 1.27 2.88
C ASN A 104 43.60 0.14 3.83
N GLY A 105 42.64 -0.68 3.44
CA GLY A 105 42.22 -1.80 4.26
C GLY A 105 40.97 -1.64 5.11
N TYR A 106 40.30 -0.50 5.01
CA TYR A 106 39.09 -0.28 5.79
C TYR A 106 37.95 0.16 4.88
N ALA A 107 36.73 0.21 5.42
CA ALA A 107 35.57 0.61 4.63
C ALA A 107 34.40 1.05 5.51
N ASN A 108 33.85 2.23 5.19
CA ASN A 108 32.71 2.78 5.92
C ASN A 108 31.44 2.68 5.07
N TRP A 109 30.56 1.75 5.41
CA TRP A 109 29.33 1.56 4.68
C TRP A 109 28.17 2.33 5.32
N ASP A 110 27.37 2.99 4.51
CA ASP A 110 26.24 3.75 5.00
C ASP A 110 25.08 2.79 5.27
N ILE A 111 24.46 2.92 6.43
CA ILE A 111 23.35 2.07 6.82
C ILE A 111 22.05 2.36 6.07
N ASP A 112 21.87 1.64 4.96
CA ASP A 112 20.68 1.79 4.13
C ASP A 112 20.46 0.48 3.38
N ILE A 113 19.22 0.00 3.36
CA ILE A 113 18.90 -1.25 2.70
C ILE A 113 18.24 -1.11 1.32
N THR A 114 17.99 0.11 0.91
CA THR A 114 17.34 0.36 -0.39
C THR A 114 18.28 0.06 -1.55
N GLY A 115 19.39 -0.61 -1.26
CA GLY A 115 20.35 -0.92 -2.30
C GLY A 115 20.12 -2.22 -3.04
N TYR A 116 19.17 -3.04 -2.57
CA TYR A 116 18.90 -4.31 -3.23
C TYR A 116 17.42 -4.59 -3.47
N ALA A 117 17.10 -4.92 -4.72
CA ALA A 117 15.74 -5.21 -5.15
C ALA A 117 14.95 -6.12 -4.22
N GLN A 118 15.20 -7.43 -4.34
CA GLN A 118 14.52 -8.44 -3.52
C GLN A 118 13.91 -7.91 -2.22
N MET A 119 14.77 -7.48 -1.31
CA MET A 119 14.31 -6.98 -0.01
C MET A 119 13.53 -5.67 -0.12
N ARG A 120 14.07 -4.72 -0.90
CA ARG A 120 13.43 -3.42 -1.05
C ARG A 120 11.99 -3.51 -1.58
N ARG A 121 11.73 -4.46 -2.46
CA ARG A 121 10.39 -4.61 -3.01
C ARG A 121 9.38 -4.88 -1.89
N LYS A 122 9.62 -5.94 -1.12
CA LYS A 122 8.73 -6.31 -0.03
C LYS A 122 8.46 -5.17 0.94
N VAL A 123 9.51 -4.69 1.60
CA VAL A 123 9.40 -3.61 2.58
C VAL A 123 8.67 -2.35 2.12
N GLU A 124 8.87 -1.93 0.88
CA GLU A 124 8.21 -0.73 0.36
C GLU A 124 6.73 -0.93 0.09
N LEU A 125 6.17 -2.01 0.64
CA LEU A 125 4.76 -2.30 0.47
C LEU A 125 3.96 -1.46 1.45
N PHE A 126 4.56 -1.16 2.58
CA PHE A 126 3.92 -0.36 3.61
C PHE A 126 4.55 1.02 3.72
N THR A 127 3.88 1.93 4.40
CA THR A 127 4.36 3.29 4.55
C THR A 127 5.24 3.44 5.80
N TYR A 128 4.81 2.80 6.88
CA TYR A 128 5.56 2.84 8.13
C TYR A 128 5.85 1.43 8.61
N MET A 129 6.85 1.28 9.47
CA MET A 129 7.21 -0.03 9.97
C MET A 129 8.11 0.04 11.20
N ARG A 130 7.67 -0.59 12.28
CA ARG A 130 8.42 -0.63 13.54
C ARG A 130 8.84 -2.08 13.77
N PHE A 131 10.10 -2.29 14.18
CA PHE A 131 10.57 -3.66 14.41
C PHE A 131 12.03 -3.77 14.84
N ASP A 132 12.43 -4.99 15.19
CA ASP A 132 13.79 -5.31 15.58
C ASP A 132 14.33 -6.18 14.45
N ALA A 133 15.64 -6.36 14.39
CA ALA A 133 16.22 -7.18 13.33
C ALA A 133 17.42 -7.99 13.78
N GLU A 134 17.78 -8.97 12.96
CA GLU A 134 18.92 -9.84 13.23
C GLU A 134 19.79 -9.88 11.98
N PHE A 135 21.01 -9.36 12.10
CA PHE A 135 21.93 -9.33 10.98
C PHE A 135 22.99 -10.42 11.01
N THR A 136 23.26 -10.98 9.84
CA THR A 136 24.26 -12.02 9.69
C THR A 136 25.31 -11.51 8.71
N PHE A 137 26.58 -11.78 9.01
CA PHE A 137 27.66 -11.31 8.17
C PHE A 137 28.45 -12.43 7.51
N VAL A 138 28.36 -12.48 6.18
CA VAL A 138 29.06 -13.49 5.40
C VAL A 138 30.29 -12.87 4.73
N ALA A 139 31.46 -13.14 5.30
CA ALA A 139 32.71 -12.62 4.76
C ALA A 139 33.41 -13.70 3.92
N CYS A 140 33.90 -13.32 2.76
CA CYS A 140 34.57 -14.26 1.87
C CYS A 140 35.26 -13.56 0.70
N THR A 141 36.18 -14.27 0.04
CA THR A 141 36.89 -13.71 -1.10
C THR A 141 36.04 -13.83 -2.36
N PRO A 142 36.32 -13.01 -3.38
CA PRO A 142 35.57 -13.02 -4.64
C PRO A 142 35.41 -14.38 -5.32
N THR A 143 36.03 -15.43 -4.77
CA THR A 143 35.93 -16.75 -5.37
C THR A 143 35.08 -17.71 -4.53
N GLY A 144 35.17 -17.56 -3.22
CA GLY A 144 34.44 -18.42 -2.31
C GLY A 144 35.47 -19.03 -1.38
N GLN A 145 36.69 -18.56 -1.53
CA GLN A 145 37.83 -19.00 -0.75
C GLN A 145 37.71 -18.58 0.72
N VAL A 146 37.79 -19.55 1.63
CA VAL A 146 37.74 -19.25 3.06
C VAL A 146 39.16 -18.97 3.52
N VAL A 147 39.40 -17.73 3.91
CA VAL A 147 40.73 -17.30 4.35
C VAL A 147 40.87 -17.07 5.85
N PRO A 148 42.02 -17.43 6.43
CA PRO A 148 42.28 -17.26 7.87
C PRO A 148 42.64 -15.80 8.20
N GLN A 149 41.70 -14.90 7.96
CA GLN A 149 41.89 -13.48 8.23
C GLN A 149 40.98 -13.04 9.36
N LEU A 150 41.42 -12.02 10.11
CA LEU A 150 40.62 -11.51 11.22
C LEU A 150 40.11 -10.12 10.88
N LEU A 151 38.84 -9.86 11.21
CA LEU A 151 38.22 -8.58 10.93
C LEU A 151 37.57 -7.97 12.16
N GLN A 152 37.14 -6.72 12.04
CA GLN A 152 36.50 -6.03 13.14
C GLN A 152 35.34 -5.17 12.64
N TYR A 153 34.12 -5.59 12.94
CA TYR A 153 32.94 -4.85 12.51
C TYR A 153 32.57 -3.88 13.64
N MET A 154 32.51 -2.59 13.33
CA MET A 154 32.16 -1.60 14.34
C MET A 154 31.00 -0.73 13.89
N PHE A 155 30.01 -0.58 14.76
CA PHE A 155 28.84 0.23 14.47
C PHE A 155 29.16 1.67 14.85
N VAL A 156 28.87 2.60 13.96
CA VAL A 156 29.13 4.01 14.23
C VAL A 156 27.85 4.84 14.16
N PRO A 157 27.20 5.06 15.31
CA PRO A 157 25.97 5.84 15.38
C PRO A 157 26.17 7.24 14.81
N PRO A 158 25.08 7.85 14.30
CA PRO A 158 25.18 9.20 13.73
C PRO A 158 25.58 10.22 14.78
N GLY A 159 26.78 10.76 14.64
CA GLY A 159 27.27 11.75 15.60
C GLY A 159 28.51 11.22 16.29
N ALA A 160 28.84 9.96 16.02
CA ALA A 160 30.01 9.33 16.62
C ALA A 160 31.19 9.42 15.66
N PRO A 161 32.42 9.41 16.18
CA PRO A 161 33.63 9.50 15.35
C PRO A 161 33.75 8.33 14.38
N LYS A 162 33.75 8.64 13.08
CA LYS A 162 33.86 7.64 12.03
C LYS A 162 35.32 7.39 11.69
N PRO A 163 35.75 6.11 11.67
CA PRO A 163 37.14 5.78 11.34
C PRO A 163 37.57 6.35 10.00
N GLU A 164 38.79 6.87 9.95
CA GLU A 164 39.30 7.47 8.73
C GLU A 164 40.42 6.66 8.09
N SER A 165 40.98 5.73 8.86
CA SER A 165 42.06 4.89 8.35
C SER A 165 41.99 3.49 8.96
N ARG A 166 42.70 2.56 8.34
CA ARG A 166 42.73 1.18 8.79
C ARG A 166 43.25 1.08 10.23
N GLU A 167 43.71 2.20 10.77
CA GLU A 167 44.23 2.23 12.12
C GLU A 167 43.83 3.49 12.86
N SER A 168 42.69 4.05 12.48
CA SER A 168 42.17 5.26 13.11
C SER A 168 41.86 4.98 14.58
N LEU A 169 42.01 6.00 15.42
CA LEU A 169 41.76 5.85 16.86
C LEU A 169 40.35 5.34 17.15
N ALA A 170 39.41 5.67 16.27
CA ALA A 170 38.03 5.27 16.43
C ALA A 170 37.79 3.78 16.61
N TRP A 171 38.77 2.96 16.24
CA TRP A 171 38.61 1.51 16.36
C TRP A 171 38.84 0.96 17.77
N GLN A 172 39.16 1.84 18.72
CA GLN A 172 39.36 1.39 20.09
C GLN A 172 37.99 0.94 20.60
N THR A 173 36.95 1.47 19.98
CA THR A 173 35.57 1.17 20.34
C THR A 173 35.34 0.97 21.82
N ALA A 174 35.61 2.02 22.60
CA ALA A 174 35.44 1.97 24.05
C ALA A 174 33.97 2.08 24.42
N THR A 175 33.18 2.68 23.53
CA THR A 175 31.74 2.84 23.77
C THR A 175 30.95 2.12 22.68
N ASN A 176 31.26 2.43 21.43
CA ASN A 176 30.59 1.81 20.30
C ASN A 176 30.67 0.30 20.39
N PRO A 177 29.72 -0.40 19.75
CA PRO A 177 29.68 -1.86 19.76
C PRO A 177 30.45 -2.44 18.57
N SER A 178 31.47 -3.25 18.86
CA SER A 178 32.28 -3.86 17.80
C SER A 178 32.29 -5.37 17.93
N VAL A 179 32.55 -6.05 16.81
CA VAL A 179 32.59 -7.51 16.79
C VAL A 179 33.79 -8.01 16.01
N PHE A 180 34.58 -8.88 16.64
CA PHE A 180 35.78 -9.43 16.01
C PHE A 180 35.51 -10.88 15.64
N VAL A 181 35.74 -11.24 14.38
CA VAL A 181 35.51 -12.60 13.92
C VAL A 181 36.53 -13.03 12.86
N LYS A 182 36.76 -14.33 12.77
CA LYS A 182 37.68 -14.89 11.79
C LYS A 182 36.80 -15.41 10.65
N LEU A 183 37.34 -15.44 9.43
CA LEU A 183 36.57 -15.93 8.31
C LEU A 183 36.43 -17.45 8.37
N THR A 184 37.06 -18.05 9.36
CA THR A 184 37.00 -19.50 9.55
C THR A 184 35.81 -19.84 10.44
N ASP A 185 35.46 -18.92 11.34
CA ASP A 185 34.33 -19.11 12.24
C ASP A 185 33.04 -18.81 11.48
N PRO A 186 31.91 -19.37 11.95
CA PRO A 186 30.63 -19.14 11.29
C PRO A 186 30.31 -17.64 11.24
N PRO A 187 29.32 -17.26 10.41
CA PRO A 187 28.93 -15.84 10.28
C PRO A 187 28.51 -15.22 11.61
N ALA A 188 28.53 -13.89 11.67
CA ALA A 188 28.16 -13.16 12.87
C ALA A 188 26.66 -13.08 13.08
N GLN A 189 26.22 -13.37 14.30
CA GLN A 189 24.80 -13.33 14.66
C GLN A 189 24.59 -12.09 15.52
N VAL A 190 23.71 -11.19 15.07
CA VAL A 190 23.46 -9.97 15.82
C VAL A 190 22.00 -9.57 15.91
N SER A 191 21.60 -9.10 17.09
CA SER A 191 20.22 -8.67 17.32
C SER A 191 20.22 -7.16 17.46
N VAL A 192 19.35 -6.49 16.71
CA VAL A 192 19.26 -5.04 16.74
C VAL A 192 17.86 -4.53 17.07
N PRO A 193 17.73 -3.73 18.13
CA PRO A 193 16.46 -3.16 18.59
C PRO A 193 16.00 -1.97 17.74
N PHE A 194 14.70 -1.66 17.80
CA PHE A 194 14.15 -0.54 17.05
C PHE A 194 14.70 0.76 17.61
N MET A 195 15.69 1.31 16.92
CA MET A 195 16.32 2.56 17.34
C MET A 195 15.98 3.68 16.37
N SER A 196 15.21 4.65 16.85
CA SER A 196 14.81 5.77 16.02
C SER A 196 13.98 6.76 16.81
N PRO A 197 14.21 8.06 16.60
CA PRO A 197 13.47 9.11 17.30
C PRO A 197 11.99 9.00 16.96
N ALA A 198 11.71 8.48 15.77
CA ALA A 198 10.35 8.29 15.30
C ALA A 198 9.84 6.96 15.83
N SER A 199 8.55 6.89 16.09
CA SER A 199 7.92 5.67 16.61
C SER A 199 8.01 4.51 15.64
N ALA A 200 8.29 4.80 14.37
CA ALA A 200 8.39 3.76 13.35
C ALA A 200 9.18 4.25 12.15
N TYR A 201 9.95 3.36 11.55
CA TYR A 201 10.74 3.71 10.38
C TYR A 201 9.80 4.19 9.28
N GLN A 202 10.28 5.15 8.49
CA GLN A 202 9.48 5.71 7.42
C GLN A 202 10.08 5.38 6.06
N TRP A 203 9.32 4.68 5.22
CA TRP A 203 9.80 4.30 3.90
C TRP A 203 9.72 5.46 2.92
N PHE A 204 8.67 6.26 3.05
CA PHE A 204 8.48 7.41 2.16
C PHE A 204 8.30 8.68 2.98
N TYR A 205 9.14 9.67 2.70
CA TYR A 205 9.09 10.96 3.40
C TYR A 205 8.75 12.04 2.39
N ASP A 206 7.49 12.48 2.39
CA ASP A 206 7.05 13.50 1.45
C ASP A 206 7.31 14.90 2.01
N GLY A 207 8.58 15.28 2.09
CA GLY A 207 8.94 16.60 2.61
C GLY A 207 10.44 16.82 2.66
N TYR A 208 10.85 17.99 3.17
CA TYR A 208 12.26 18.32 3.28
C TYR A 208 12.71 18.37 4.74
N PRO A 209 13.90 17.81 5.03
CA PRO A 209 14.46 17.78 6.38
C PRO A 209 15.20 19.05 6.80
N THR A 210 15.44 19.95 5.85
CA THR A 210 16.15 21.19 6.13
C THR A 210 15.30 22.34 6.66
N PHE A 211 14.15 22.56 6.02
CA PHE A 211 13.25 23.63 6.42
C PHE A 211 13.82 24.98 5.98
N GLY A 212 14.50 24.99 4.84
CA GLY A 212 15.09 26.21 4.32
C GLY A 212 14.41 26.79 3.09
N GLU A 213 15.19 27.04 2.05
CA GLU A 213 14.66 27.60 0.81
C GLU A 213 14.29 26.53 -0.21
N HIS A 214 14.92 25.36 -0.11
CA HIS A 214 14.63 24.25 -1.00
C HIS A 214 14.98 24.56 -2.46
N LYS A 215 16.09 25.26 -2.66
CA LYS A 215 16.53 25.63 -4.01
C LYS A 215 16.69 24.38 -4.86
N GLN A 216 16.88 24.55 -6.16
CA GLN A 216 17.03 23.41 -7.06
C GLN A 216 18.20 22.50 -6.69
N GLU A 217 19.35 23.12 -6.42
CA GLU A 217 20.55 22.37 -6.05
C GLU A 217 20.34 21.60 -4.75
N LYS A 218 19.32 21.99 -3.99
CA LYS A 218 19.00 21.36 -2.72
C LYS A 218 17.84 20.36 -2.83
N ASP A 219 17.35 20.13 -4.05
CA ASP A 219 16.26 19.18 -4.26
C ASP A 219 16.81 17.77 -4.03
N LEU A 220 18.07 17.72 -3.63
CA LEU A 220 18.75 16.48 -3.34
C LEU A 220 18.31 15.97 -1.97
N GLU A 221 17.50 16.77 -1.28
CA GLU A 221 17.02 16.43 0.05
C GLU A 221 15.58 15.93 0.08
N TYR A 222 14.79 16.31 -0.92
CA TYR A 222 13.40 15.88 -0.98
C TYR A 222 13.28 14.37 -0.84
N GLY A 223 12.69 13.92 0.26
CA GLY A 223 12.53 12.49 0.50
C GLY A 223 13.46 11.94 1.55
N ALA A 224 14.48 12.71 1.92
CA ALA A 224 15.44 12.29 2.92
C ALA A 224 14.90 12.50 4.33
N CYS A 225 14.71 11.40 5.05
CA CYS A 225 14.19 11.46 6.41
C CYS A 225 15.26 11.05 7.42
N PRO A 226 15.66 11.98 8.29
CA PRO A 226 16.68 11.72 9.32
C PRO A 226 16.32 10.62 10.31
N ASN A 227 15.04 10.22 10.33
CA ASN A 227 14.59 9.19 11.24
C ASN A 227 14.95 7.79 10.73
N ASN A 228 15.54 7.73 9.54
CA ASN A 228 15.95 6.46 8.95
C ASN A 228 17.47 6.42 8.88
N MET A 229 18.09 7.50 9.33
CA MET A 229 19.55 7.62 9.35
C MET A 229 20.08 6.96 10.60
N MET A 230 20.62 5.76 10.47
CA MET A 230 21.15 5.02 11.61
C MET A 230 22.66 5.13 11.73
N GLY A 231 23.25 6.06 11.00
CA GLY A 231 24.69 6.23 11.04
C GLY A 231 25.38 5.39 9.99
N THR A 232 26.53 4.82 10.34
CA THR A 232 27.27 4.00 9.39
C THR A 232 27.82 2.73 10.02
N PHE A 233 28.32 1.85 9.16
CA PHE A 233 28.91 0.59 9.58
C PHE A 233 30.34 0.52 9.05
N SER A 234 31.29 0.29 9.95
CA SER A 234 32.70 0.21 9.57
C SER A 234 33.29 -1.19 9.74
N VAL A 235 34.22 -1.53 8.85
CA VAL A 235 34.89 -2.83 8.90
C VAL A 235 36.31 -2.70 8.38
N ARG A 236 37.22 -3.50 8.94
CA ARG A 236 38.61 -3.48 8.53
C ARG A 236 39.36 -4.69 9.05
N ASN A 237 40.58 -4.87 8.57
CA ASN A 237 41.42 -5.98 9.01
C ASN A 237 42.16 -5.50 10.24
N VAL A 238 42.34 -6.39 11.21
CA VAL A 238 43.03 -6.03 12.44
C VAL A 238 44.54 -6.15 12.26
N GLY A 239 45.15 -5.10 11.69
CA GLY A 239 46.58 -5.10 11.48
C GLY A 239 47.15 -3.74 11.12
N SER A 240 48.47 -3.66 11.10
CA SER A 240 49.17 -2.43 10.77
C SER A 240 49.67 -2.47 9.33
N SER A 241 49.80 -3.67 8.78
CA SER A 241 50.27 -3.86 7.41
C SER A 241 49.11 -4.09 6.44
N LYS A 242 49.42 -4.71 5.30
CA LYS A 242 48.42 -5.00 4.28
C LYS A 242 47.58 -6.21 4.65
N SER A 243 46.37 -6.26 4.10
CA SER A 243 45.45 -7.35 4.37
C SER A 243 45.96 -8.71 3.90
N LYS A 244 46.69 -8.72 2.79
CA LYS A 244 47.24 -9.95 2.23
C LYS A 244 46.17 -10.75 1.48
N TYR A 245 44.91 -10.37 1.65
CA TYR A 245 43.81 -11.07 0.98
C TYR A 245 42.70 -10.16 0.44
N PRO A 246 42.09 -10.56 -0.69
CA PRO A 246 41.00 -9.83 -1.33
C PRO A 246 39.70 -10.30 -0.68
N LEU A 247 39.04 -9.41 0.05
CA LEU A 247 37.82 -9.78 0.75
C LEU A 247 36.54 -9.09 0.28
N VAL A 248 35.41 -9.71 0.57
CA VAL A 248 34.09 -9.20 0.20
C VAL A 248 33.07 -9.63 1.24
N VAL A 249 32.53 -8.68 2.01
CA VAL A 249 31.54 -8.97 3.03
C VAL A 249 30.11 -8.71 2.55
N ARG A 250 29.22 -9.66 2.83
CA ARG A 250 27.83 -9.54 2.43
C ARG A 250 26.97 -9.52 3.69
N ILE A 251 26.16 -8.48 3.82
CA ILE A 251 25.28 -8.32 4.98
C ILE A 251 23.86 -8.79 4.74
N TYR A 252 23.40 -9.70 5.59
CA TYR A 252 22.04 -10.23 5.48
C TYR A 252 21.23 -9.81 6.70
N MET A 253 19.94 -9.57 6.48
CA MET A 253 19.07 -9.12 7.57
C MET A 253 17.75 -9.87 7.66
N ARG A 254 17.28 -10.05 8.89
CA ARG A 254 16.00 -10.71 9.15
C ARG A 254 15.28 -9.85 10.18
N MET A 255 13.97 -9.70 10.02
CA MET A 255 13.19 -8.88 10.94
C MET A 255 12.42 -9.67 11.99
N LYS A 256 12.45 -9.18 13.21
CA LYS A 256 11.76 -9.82 14.33
C LYS A 256 10.80 -8.81 14.96
N HIS A 257 9.65 -9.29 15.43
CA HIS A 257 8.69 -8.40 16.06
C HIS A 257 8.35 -7.27 15.09
N VAL A 258 7.67 -7.62 14.01
CA VAL A 258 7.31 -6.64 12.99
C VAL A 258 5.97 -5.95 13.25
N ARG A 259 5.88 -4.68 12.82
CA ARG A 259 4.69 -3.88 12.98
C ARG A 259 4.52 -2.91 11.81
N ALA A 260 3.81 -3.36 10.77
CA ALA A 260 3.58 -2.53 9.60
C ALA A 260 2.29 -1.75 9.73
N TRP A 261 2.18 -0.65 8.99
CA TRP A 261 0.97 0.17 9.05
C TRP A 261 0.32 0.43 7.70
N ILE A 262 0.39 1.67 7.21
CA ILE A 262 -0.22 2.02 5.94
C ILE A 262 0.33 1.21 4.76
N PRO A 263 -0.56 0.58 3.97
CA PRO A 263 -0.15 -0.21 2.82
C PRO A 263 -0.28 0.59 1.52
N ARG A 264 0.69 0.45 0.62
CA ARG A 264 0.66 1.15 -0.65
C ARG A 264 0.90 0.21 -1.83
N PRO A 265 0.63 0.67 -3.06
CA PRO A 265 0.81 -0.15 -4.27
C PRO A 265 2.22 -0.71 -4.40
N MET A 266 2.33 -1.89 -5.01
CA MET A 266 3.62 -2.54 -5.22
C MET A 266 4.46 -1.70 -6.18
N ARG A 267 5.70 -2.13 -6.41
CA ARG A 267 6.59 -1.41 -7.31
C ARG A 267 6.27 -1.82 -8.75
N ASN A 268 6.16 -0.84 -9.63
CA ASN A 268 5.86 -1.10 -11.03
C ASN A 268 7.08 -1.05 -11.94
N GLN A 269 7.98 -0.12 -11.66
CA GLN A 269 9.19 0.04 -12.47
C GLN A 269 10.45 -0.45 -11.80
N ASN A 270 11.56 -0.39 -12.55
CA ASN A 270 12.85 -0.82 -12.05
C ASN A 270 13.48 0.28 -11.20
N TYR A 271 13.97 -0.10 -10.03
CA TYR A 271 14.60 0.87 -9.13
C TYR A 271 15.87 1.41 -9.78
N LEU A 272 16.11 2.70 -9.62
CA LEU A 272 17.28 3.33 -10.21
C LEU A 272 18.26 3.82 -9.15
N PHE A 273 17.78 4.66 -8.23
CA PHE A 273 18.62 5.20 -7.18
C PHE A 273 18.24 4.64 -5.82
N LYS A 274 19.09 4.88 -4.83
CA LYS A 274 18.84 4.43 -3.47
C LYS A 274 18.05 5.53 -2.77
N ALA A 275 17.03 5.14 -2.02
CA ALA A 275 16.19 6.11 -1.30
C ALA A 275 15.64 7.14 -2.28
N ASN A 276 15.31 6.69 -3.48
CA ASN A 276 14.76 7.57 -4.50
C ASN A 276 13.80 6.81 -5.40
N PRO A 277 12.51 7.14 -5.36
CA PRO A 277 11.48 6.49 -6.17
C PRO A 277 11.55 6.88 -7.65
N ASN A 278 12.70 7.39 -8.07
CA ASN A 278 12.89 7.78 -9.45
C ASN A 278 12.78 6.54 -10.34
N TYR A 279 12.15 6.69 -11.50
CA TYR A 279 11.94 5.57 -12.40
C TYR A 279 12.44 5.84 -13.82
N ALA A 280 12.40 4.80 -14.65
CA ALA A 280 12.83 4.90 -16.04
C ALA A 280 11.76 5.60 -16.87
N GLY A 281 11.79 6.93 -16.85
CA GLY A 281 10.81 7.71 -17.58
C GLY A 281 10.85 7.58 -19.10
N ASN A 282 12.03 7.40 -19.65
CA ASN A 282 12.19 7.28 -21.10
C ASN A 282 11.62 5.98 -21.66
N SER A 283 11.50 4.97 -20.80
CA SER A 283 10.97 3.68 -21.22
C SER A 283 10.21 3.01 -20.08
N ILE A 284 8.89 3.21 -20.06
CA ILE A 284 8.04 2.61 -19.04
C ILE A 284 7.39 1.34 -19.56
N LYS A 285 7.37 0.31 -18.72
CA LYS A 285 6.79 -0.97 -19.09
C LYS A 285 5.48 -1.23 -18.36
N PRO A 286 4.58 -2.03 -18.96
CA PRO A 286 3.28 -2.36 -18.35
C PRO A 286 3.46 -3.14 -17.05
N THR A 287 2.49 -3.00 -16.15
CA THR A 287 2.54 -3.69 -14.86
C THR A 287 2.76 -5.19 -15.06
N GLY A 288 2.15 -5.74 -16.11
CA GLY A 288 2.29 -7.15 -16.38
C GLY A 288 2.39 -7.51 -17.84
N THR A 289 2.10 -8.77 -18.15
CA THR A 289 2.16 -9.27 -19.51
C THR A 289 1.05 -8.68 -20.38
N SER A 290 1.31 -8.60 -21.68
CA SER A 290 0.34 -8.07 -22.62
C SER A 290 -0.14 -9.17 -23.55
N ARG A 291 -1.33 -8.99 -24.11
CA ARG A 291 -1.92 -9.97 -25.01
C ARG A 291 -2.06 -9.37 -26.42
N THR A 292 -2.69 -10.13 -27.31
CA THR A 292 -2.88 -9.68 -28.68
C THR A 292 -4.29 -9.11 -28.86
N ALA A 293 -5.22 -9.61 -28.05
CA ALA A 293 -6.61 -9.16 -28.11
C ALA A 293 -7.32 -9.52 -26.81
N ILE A 294 -8.19 -8.62 -26.34
CA ILE A 294 -8.91 -8.85 -25.10
C ILE A 294 -9.98 -9.92 -25.27
N THR A 295 -10.11 -10.43 -26.50
CA THR A 295 -11.09 -11.45 -26.82
C THR A 295 -10.40 -12.76 -27.18
N THR A 296 -9.09 -12.80 -27.01
CA THR A 296 -8.32 -13.99 -27.33
C THR A 296 -7.34 -14.33 -26.22
N LEU A 297 -7.14 -15.63 -25.99
CA LEU A 297 -6.22 -16.10 -24.97
C LEU A 297 -4.89 -16.48 -25.61
N SER B 10 -32.32 7.83 0.95
CA SER B 10 -31.71 8.46 2.16
C SER B 10 -30.24 8.07 2.29
N ASP B 11 -29.59 7.82 1.16
CA ASP B 11 -28.18 7.44 1.16
C ASP B 11 -27.40 8.28 0.16
N ARG B 12 -28.11 8.85 -0.81
CA ARG B 12 -27.47 9.69 -1.83
C ARG B 12 -27.42 11.14 -1.39
N VAL B 13 -28.48 11.61 -0.73
CA VAL B 13 -28.52 12.98 -0.25
C VAL B 13 -27.66 13.06 1.01
N ALA B 14 -27.05 14.21 1.25
CA ALA B 14 -26.21 14.38 2.43
C ALA B 14 -25.81 15.83 2.66
N GLN B 15 -25.43 16.14 3.89
CA GLN B 15 -25.00 17.48 4.26
C GLN B 15 -23.85 17.45 5.24
N LEU B 16 -22.86 18.30 5.00
CA LEU B 16 -21.69 18.38 5.85
C LEU B 16 -21.62 19.79 6.46
N THR B 17 -21.59 19.86 7.78
CA THR B 17 -21.54 21.15 8.46
C THR B 17 -20.37 21.26 9.44
N ILE B 18 -19.43 22.14 9.11
CA ILE B 18 -18.26 22.36 9.97
C ILE B 18 -18.02 23.86 10.03
N GLY B 19 -17.62 24.34 11.20
CA GLY B 19 -17.37 25.77 11.35
C GLY B 19 -18.60 26.54 10.92
N ASN B 20 -18.42 27.45 9.96
CA ASN B 20 -19.52 28.24 9.45
C ASN B 20 -19.74 27.92 7.97
N SER B 21 -19.50 26.67 7.60
CA SER B 21 -19.65 26.23 6.23
C SER B 21 -20.55 25.00 6.15
N THR B 22 -21.29 24.88 5.06
CA THR B 22 -22.19 23.75 4.85
C THR B 22 -22.14 23.28 3.40
N ILE B 23 -22.04 21.97 3.21
CA ILE B 23 -21.99 21.41 1.87
C ILE B 23 -23.25 20.60 1.58
N THR B 24 -23.65 20.57 0.32
CA THR B 24 -24.85 19.84 -0.10
C THR B 24 -24.54 18.87 -1.23
N THR B 25 -25.46 17.95 -1.46
CA THR B 25 -25.32 16.96 -2.52
C THR B 25 -26.65 16.25 -2.74
N GLN B 26 -26.88 15.75 -3.95
CA GLN B 26 -28.11 15.05 -4.25
C GLN B 26 -27.83 13.77 -5.02
N GLU B 27 -26.55 13.44 -5.16
CA GLU B 27 -26.13 12.24 -5.86
C GLU B 27 -24.90 11.64 -5.21
N ALA B 28 -24.70 11.91 -3.93
CA ALA B 28 -23.56 11.38 -3.20
C ALA B 28 -23.59 9.86 -3.12
N ALA B 29 -22.42 9.26 -2.99
CA ALA B 29 -22.29 7.81 -2.90
C ALA B 29 -21.85 7.38 -1.50
N ASN B 30 -22.21 8.20 -0.50
CA ASN B 30 -21.87 7.94 0.89
C ASN B 30 -20.50 8.50 1.27
N ILE B 31 -20.14 8.35 2.55
CA ILE B 31 -18.86 8.85 3.05
C ILE B 31 -17.92 7.73 3.49
N ILE B 32 -16.64 7.87 3.16
CA ILE B 32 -15.65 6.89 3.54
C ILE B 32 -14.73 7.46 4.60
N VAL B 33 -14.43 6.66 5.62
CA VAL B 33 -13.56 7.10 6.69
C VAL B 33 -12.20 6.40 6.57
N GLY B 34 -11.17 7.20 6.32
CA GLY B 34 -9.82 6.66 6.16
C GLY B 34 -9.43 5.61 7.18
N TYR B 35 -9.24 4.38 6.71
CA TYR B 35 -8.84 3.27 7.57
C TYR B 35 -9.76 3.12 8.77
N GLY B 36 -11.03 3.44 8.58
CA GLY B 36 -11.99 3.33 9.67
C GLY B 36 -11.50 3.93 10.96
N GLU B 37 -11.33 5.26 10.98
CA GLU B 37 -10.86 5.97 12.16
C GLU B 37 -11.15 7.45 12.05
N TRP B 38 -11.77 8.02 13.08
CA TRP B 38 -12.08 9.44 13.07
C TRP B 38 -10.97 10.29 13.66
N PRO B 39 -10.80 11.51 13.13
CA PRO B 39 -9.79 12.45 13.58
C PRO B 39 -9.89 12.69 15.09
N SER B 40 -8.83 12.30 15.81
CA SER B 40 -8.80 12.48 17.25
C SER B 40 -7.62 13.38 17.62
N TYR B 41 -7.70 13.97 18.81
CA TYR B 41 -6.62 14.83 19.28
C TYR B 41 -5.49 13.96 19.81
N CYS B 42 -4.43 14.59 20.28
CA CYS B 42 -3.28 13.85 20.80
C CYS B 42 -3.41 13.51 22.28
N SER B 43 -3.07 12.27 22.60
CA SER B 43 -3.13 11.78 23.97
C SER B 43 -2.00 12.42 24.78
N ASP B 44 -2.14 12.45 26.10
CA ASP B 44 -1.12 13.04 26.96
C ASP B 44 0.07 12.13 27.17
N ASP B 45 0.19 11.10 26.34
CA ASP B 45 1.30 10.17 26.44
C ASP B 45 1.97 10.02 25.08
N ASP B 46 1.20 10.27 24.01
CA ASP B 46 1.72 10.18 22.66
C ASP B 46 2.47 11.47 22.32
N ALA B 47 2.16 12.53 23.06
CA ALA B 47 2.80 13.82 22.84
C ALA B 47 4.05 13.97 23.70
N THR B 48 5.02 14.73 23.18
CA THR B 48 6.26 14.96 23.90
C THR B 48 6.41 16.47 24.05
N ALA B 49 5.66 17.20 23.22
CA ALA B 49 5.68 18.66 23.26
C ALA B 49 5.03 19.13 24.55
N VAL B 50 5.86 19.55 25.51
CA VAL B 50 5.37 20.02 26.79
C VAL B 50 4.90 21.47 26.75
N ASP B 51 3.65 21.66 26.35
CA ASP B 51 3.03 22.98 26.26
C ASP B 51 1.63 22.81 25.68
N LYS B 52 0.63 23.38 26.34
CA LYS B 52 -0.74 23.26 25.85
C LYS B 52 -0.90 23.90 24.48
N PRO B 53 -1.15 23.07 23.45
CA PRO B 53 -1.32 23.54 22.07
C PRO B 53 -2.57 24.42 21.90
N THR B 54 -2.80 24.87 20.67
CA THR B 54 -3.96 25.71 20.38
C THR B 54 -4.98 24.98 19.53
N ARG B 55 -6.20 24.87 20.03
CA ARG B 55 -7.27 24.22 19.30
C ARG B 55 -8.30 25.27 18.90
N PRO B 56 -7.96 26.14 17.94
CA PRO B 56 -8.84 27.20 17.47
C PRO B 56 -10.23 26.73 17.03
N ASP B 57 -10.30 25.48 16.59
CA ASP B 57 -11.57 24.88 16.17
C ASP B 57 -12.23 25.58 14.98
N VAL B 58 -13.48 26.00 15.16
CA VAL B 58 -14.26 26.67 14.11
C VAL B 58 -13.49 27.62 13.20
N SER B 59 -12.57 28.39 13.77
CA SER B 59 -11.80 29.36 13.00
C SER B 59 -10.90 28.70 11.94
N VAL B 60 -10.50 27.46 12.18
CA VAL B 60 -9.66 26.73 11.23
C VAL B 60 -10.34 25.46 10.75
N ASN B 61 -11.05 24.79 11.65
CA ASN B 61 -11.77 23.58 11.29
C ASN B 61 -13.07 23.97 10.59
N ARG B 62 -12.93 24.32 9.32
CA ARG B 62 -14.05 24.73 8.49
C ARG B 62 -13.78 24.32 7.05
N PHE B 63 -14.78 24.44 6.20
CA PHE B 63 -14.62 24.08 4.80
C PHE B 63 -13.97 25.17 3.95
N TYR B 64 -12.98 24.77 3.17
CA TYR B 64 -12.26 25.69 2.30
C TYR B 64 -12.30 25.21 0.85
N THR B 65 -12.94 25.99 -0.01
CA THR B 65 -13.02 25.66 -1.42
C THR B 65 -11.86 26.40 -2.09
N LEU B 66 -10.85 25.65 -2.54
CA LEU B 66 -9.69 26.26 -3.15
C LEU B 66 -9.60 26.23 -4.67
N ASP B 67 -8.95 25.21 -5.20
CA ASP B 67 -8.75 25.08 -6.64
C ASP B 67 -9.89 24.38 -7.39
N THR B 68 -9.86 24.52 -8.71
CA THR B 68 -10.83 23.93 -9.61
C THR B 68 -10.09 23.61 -10.91
N LYS B 69 -10.44 22.49 -11.54
CA LYS B 69 -9.79 22.09 -12.79
C LYS B 69 -10.85 21.75 -13.83
N LEU B 70 -10.44 21.65 -15.08
CA LEU B 70 -11.37 21.33 -16.16
C LEU B 70 -11.11 19.95 -16.72
N TRP B 71 -12.11 19.08 -16.61
CA TRP B 71 -12.00 17.71 -17.10
C TRP B 71 -12.21 17.71 -18.61
N GLU B 72 -11.34 17.00 -19.32
CA GLU B 72 -11.42 16.92 -20.77
C GLU B 72 -11.21 15.50 -21.27
N LYS B 73 -11.56 15.27 -22.53
CA LYS B 73 -11.43 13.95 -23.14
C LYS B 73 -9.96 13.52 -23.26
N SER B 74 -9.05 14.35 -22.75
CA SER B 74 -7.63 14.04 -22.82
C SER B 74 -6.87 14.25 -21.51
N SER B 75 -7.51 14.89 -20.55
CA SER B 75 -6.88 15.14 -19.25
C SER B 75 -6.20 13.89 -18.68
N LYS B 76 -5.00 14.07 -18.14
CA LYS B 76 -4.25 12.97 -17.56
C LYS B 76 -4.56 12.76 -16.09
N GLY B 77 -4.56 13.86 -15.33
CA GLY B 77 -4.84 13.77 -13.91
C GLY B 77 -4.08 14.83 -13.13
N TRP B 78 -4.48 15.04 -11.88
CA TRP B 78 -3.83 16.05 -11.04
C TRP B 78 -3.61 15.49 -9.64
N TYR B 79 -2.94 16.27 -8.79
CA TYR B 79 -2.68 15.86 -7.42
C TYR B 79 -2.32 17.05 -6.52
N TRP B 80 -2.51 16.89 -5.22
CA TRP B 80 -2.23 17.94 -4.25
C TRP B 80 -1.53 17.39 -3.01
N LYS B 81 -0.97 18.27 -2.20
CA LYS B 81 -0.29 17.87 -0.97
C LYS B 81 -0.91 18.59 0.22
N PHE B 82 -1.94 17.97 0.80
CA PHE B 82 -2.68 18.54 1.92
C PHE B 82 -1.98 19.42 2.95
N PRO B 83 -1.09 18.84 3.78
CA PRO B 83 -0.43 19.69 4.77
C PRO B 83 -0.09 21.10 4.26
N ASP B 84 0.53 21.16 3.08
CA ASP B 84 0.95 22.41 2.44
C ASP B 84 -0.17 23.19 1.73
N VAL B 85 -0.98 22.49 0.95
CA VAL B 85 -2.06 23.09 0.17
C VAL B 85 -2.81 24.23 0.86
N LEU B 86 -3.37 23.94 2.03
CA LEU B 86 -4.14 24.92 2.77
C LEU B 86 -3.37 26.14 3.27
N THR B 87 -2.12 25.95 3.67
CA THR B 87 -1.30 27.05 4.16
C THR B 87 -1.46 28.31 3.33
N GLU B 88 -1.16 29.46 3.92
CA GLU B 88 -1.24 30.75 3.23
C GLU B 88 -2.68 31.22 3.03
N THR B 89 -3.65 30.37 3.40
CA THR B 89 -5.05 30.74 3.25
C THR B 89 -5.84 30.56 4.55
N GLY B 90 -6.71 31.53 4.83
CA GLY B 90 -7.52 31.49 6.02
C GLY B 90 -6.75 31.48 7.33
N VAL B 91 -7.49 31.42 8.43
CA VAL B 91 -6.90 31.40 9.76
C VAL B 91 -5.97 30.20 9.93
N PHE B 92 -6.31 29.11 9.27
CA PHE B 92 -5.51 27.89 9.35
C PHE B 92 -4.06 28.21 8.95
N GLY B 93 -3.90 28.70 7.72
CA GLY B 93 -2.58 29.04 7.24
C GLY B 93 -1.72 29.77 8.24
N GLN B 94 -2.31 30.73 8.95
CA GLN B 94 -1.58 31.50 9.94
C GLN B 94 -0.96 30.62 11.03
N ASN B 95 -1.80 29.83 11.68
CA ASN B 95 -1.32 28.95 12.74
C ASN B 95 -0.22 28.03 12.22
N ALA B 96 -0.35 27.60 10.98
CA ALA B 96 0.62 26.71 10.36
C ALA B 96 1.95 27.42 10.15
N GLN B 97 1.89 28.73 9.91
CA GLN B 97 3.08 29.53 9.67
C GLN B 97 3.68 30.10 10.95
N PHE B 98 2.84 30.39 11.93
CA PHE B 98 3.30 30.93 13.21
C PHE B 98 3.81 29.83 14.13
N HIS B 99 3.13 28.70 14.13
CA HIS B 99 3.52 27.57 14.97
C HIS B 99 4.48 26.63 14.26
N TYR B 100 5.22 25.85 15.05
CA TYR B 100 6.18 24.90 14.54
C TYR B 100 5.55 23.52 14.36
N LEU B 101 4.87 23.05 15.40
CA LEU B 101 4.22 21.74 15.36
C LEU B 101 2.78 21.84 14.89
N TYR B 102 2.38 20.90 14.05
CA TYR B 102 1.02 20.85 13.51
C TYR B 102 0.39 19.48 13.66
N ARG B 103 -0.93 19.44 13.75
CA ARG B 103 -1.67 18.20 13.90
C ARG B 103 -3.13 18.40 13.51
N SER B 104 -3.65 17.55 12.63
CA SER B 104 -5.03 17.65 12.19
C SER B 104 -5.45 16.59 11.18
N GLY B 105 -6.75 16.35 11.10
CA GLY B 105 -7.30 15.40 10.17
C GLY B 105 -8.12 16.19 9.17
N PHE B 106 -8.44 15.62 8.02
CA PHE B 106 -9.22 16.36 7.03
C PHE B 106 -10.45 15.68 6.48
N CYS B 107 -11.38 16.51 6.00
CA CYS B 107 -12.61 16.05 5.38
C CYS B 107 -12.56 16.62 3.97
N ILE B 108 -12.36 15.74 3.00
CA ILE B 108 -12.25 16.14 1.61
C ILE B 108 -13.54 15.91 0.84
N HIS B 109 -13.90 16.86 -0.02
CA HIS B 109 -15.11 16.76 -0.82
C HIS B 109 -14.86 17.24 -2.24
N VAL B 110 -14.58 16.29 -3.14
CA VAL B 110 -14.32 16.61 -4.53
C VAL B 110 -15.62 16.50 -5.32
N GLN B 111 -16.18 17.65 -5.70
CA GLN B 111 -17.44 17.65 -6.44
C GLN B 111 -17.23 17.90 -7.93
N CYS B 112 -18.03 17.20 -8.75
CA CYS B 112 -17.97 17.33 -10.19
C CYS B 112 -19.26 16.78 -10.80
N ASN B 113 -20.16 17.67 -11.19
CA ASN B 113 -21.43 17.26 -11.76
C ASN B 113 -21.43 17.30 -13.28
N ALA B 114 -22.51 16.79 -13.85
CA ALA B 114 -22.69 16.73 -15.30
C ALA B 114 -24.14 16.33 -15.55
N SER B 115 -24.50 16.12 -16.81
CA SER B 115 -25.87 15.72 -17.13
C SER B 115 -25.96 14.21 -17.28
N LYS B 116 -27.18 13.70 -17.38
CA LYS B 116 -27.39 12.28 -17.52
C LYS B 116 -26.99 11.77 -18.90
N PHE B 117 -26.58 12.70 -19.77
CA PHE B 117 -26.15 12.35 -21.12
C PHE B 117 -24.63 12.33 -21.25
N HIS B 118 -23.95 12.59 -20.14
CA HIS B 118 -22.48 12.57 -20.12
C HIS B 118 -22.03 11.25 -19.52
N GLN B 119 -20.76 10.92 -19.71
CA GLN B 119 -20.21 9.68 -19.17
C GLN B 119 -18.76 9.89 -18.76
N GLY B 120 -18.39 9.29 -17.64
CA GLY B 120 -17.02 9.42 -17.15
C GLY B 120 -16.86 8.79 -15.78
N ALA B 121 -15.63 8.48 -15.43
CA ALA B 121 -15.34 7.86 -14.14
C ALA B 121 -14.04 8.42 -13.58
N LEU B 122 -14.14 9.10 -12.43
CA LEU B 122 -12.97 9.69 -11.79
C LEU B 122 -12.62 8.97 -10.49
N LEU B 123 -11.36 8.56 -10.39
CA LEU B 123 -10.87 7.89 -9.19
C LEU B 123 -10.27 8.94 -8.27
N VAL B 124 -10.81 9.02 -7.06
CA VAL B 124 -10.31 9.98 -6.07
C VAL B 124 -9.82 9.22 -4.85
N ALA B 125 -8.50 9.10 -4.73
CA ALA B 125 -7.91 8.38 -3.61
C ALA B 125 -6.91 9.21 -2.82
N ILE B 126 -6.57 8.71 -1.63
CA ILE B 126 -5.62 9.37 -0.75
C ILE B 126 -4.36 8.51 -0.65
N LEU B 127 -3.20 9.15 -0.71
CA LEU B 127 -1.95 8.42 -0.63
C LEU B 127 -0.98 9.05 0.37
N PRO B 128 -0.82 8.42 1.53
CA PRO B 128 0.08 8.88 2.61
C PRO B 128 1.52 8.98 2.13
N GLU B 129 2.24 9.97 2.67
CA GLU B 129 3.64 10.19 2.30
C GLU B 129 3.80 10.00 0.80
N TYR B 130 3.19 10.91 0.03
CA TYR B 130 3.25 10.84 -1.42
C TYR B 130 4.54 11.43 -2.00
N VAL B 131 5.53 10.57 -2.23
CA VAL B 131 6.80 10.99 -2.80
C VAL B 131 6.76 10.79 -4.31
N ILE B 132 7.47 11.66 -5.04
CA ILE B 132 7.49 11.58 -6.50
C ILE B 132 8.90 11.52 -7.09
N GLY B 133 8.99 10.95 -8.29
CA GLY B 133 10.27 10.84 -8.98
C GLY B 133 10.23 11.49 -10.35
N THR B 134 11.20 11.16 -11.20
CA THR B 134 11.24 11.73 -12.54
C THR B 134 12.34 11.11 -13.41
N SER B 144 17.90 14.29 -11.53
CA SER B 144 17.12 13.17 -11.03
C SER B 144 16.47 13.49 -9.68
N HIS B 145 15.89 14.69 -9.59
CA HIS B 145 15.22 15.14 -8.37
C HIS B 145 14.23 16.28 -8.67
N PRO B 146 12.93 16.03 -8.43
CA PRO B 146 11.88 17.02 -8.67
C PRO B 146 12.04 18.31 -7.85
N PRO B 147 11.61 19.45 -8.41
CA PRO B 147 11.70 20.77 -7.77
C PRO B 147 10.64 21.03 -6.70
N TYR B 148 10.82 22.13 -5.96
CA TYR B 148 9.91 22.52 -4.89
C TYR B 148 8.52 22.88 -5.43
N LYS B 149 8.47 23.26 -6.70
CA LYS B 149 7.21 23.64 -7.33
C LYS B 149 6.44 22.40 -7.77
N GLN B 150 7.08 21.24 -7.68
CA GLN B 150 6.46 19.99 -8.07
C GLN B 150 6.13 19.13 -6.85
N THR B 151 6.93 19.27 -5.79
CA THR B 151 6.72 18.49 -4.56
C THR B 151 5.68 19.13 -3.64
N GLN B 152 5.58 20.45 -3.66
CA GLN B 152 4.62 21.15 -2.82
C GLN B 152 3.84 22.21 -3.60
N PRO B 153 3.06 21.78 -4.61
CA PRO B 153 2.27 22.70 -5.42
C PRO B 153 0.96 23.10 -4.73
N GLY B 154 1.08 23.54 -3.47
CA GLY B 154 -0.08 23.94 -2.69
C GLY B 154 -1.38 24.18 -3.44
N ALA B 155 -1.75 25.45 -3.57
CA ALA B 155 -2.96 25.82 -4.28
C ALA B 155 -2.79 25.54 -5.77
N ASP B 156 -3.88 25.22 -6.45
CA ASP B 156 -3.87 24.94 -7.88
C ASP B 156 -3.10 23.66 -8.23
N GLY B 157 -2.62 22.98 -7.19
CA GLY B 157 -1.89 21.73 -7.37
C GLY B 157 -0.94 21.59 -8.56
N PHE B 158 -0.71 20.33 -8.94
CA PHE B 158 0.16 19.99 -10.06
C PHE B 158 -0.52 18.94 -10.92
N GLU B 159 0.05 18.63 -12.08
CA GLU B 159 -0.55 17.62 -12.97
C GLU B 159 0.34 16.41 -13.20
N LEU B 160 -0.30 15.25 -13.34
CA LEU B 160 0.40 14.00 -13.58
C LEU B 160 0.81 13.90 -15.06
N GLN B 161 2.02 13.44 -15.29
CA GLN B 161 2.53 13.29 -16.65
C GLN B 161 2.45 11.82 -17.04
N HIS B 162 2.66 10.95 -16.06
CA HIS B 162 2.61 9.50 -16.27
C HIS B 162 1.68 8.91 -15.21
N PRO B 163 0.37 9.12 -15.38
CA PRO B 163 -0.64 8.62 -14.44
C PRO B 163 -0.60 7.11 -14.19
N TYR B 164 -0.15 6.34 -15.18
CA TYR B 164 -0.09 4.90 -15.03
C TYR B 164 0.85 4.46 -13.92
N VAL B 165 1.89 5.25 -13.67
CA VAL B 165 2.85 4.93 -12.62
C VAL B 165 2.82 5.97 -11.51
N LEU B 166 1.78 6.80 -11.51
CA LEU B 166 1.60 7.84 -10.51
C LEU B 166 2.86 8.70 -10.33
N ASP B 167 3.67 8.80 -11.37
CA ASP B 167 4.90 9.59 -11.34
C ASP B 167 5.82 9.18 -10.19
N ALA B 168 5.61 7.98 -9.67
CA ALA B 168 6.43 7.49 -8.56
C ALA B 168 6.98 6.10 -8.85
N GLY B 169 6.51 5.49 -9.93
CA GLY B 169 6.99 4.17 -10.29
C GLY B 169 6.11 3.05 -9.76
N ILE B 170 4.94 3.42 -9.24
CA ILE B 170 4.00 2.45 -8.70
C ILE B 170 2.72 2.38 -9.55
N PRO B 171 2.17 1.18 -9.73
CA PRO B 171 0.95 1.00 -10.53
C PRO B 171 -0.28 1.63 -9.90
N ILE B 172 -1.04 2.37 -10.71
CA ILE B 172 -2.25 3.02 -10.23
C ILE B 172 -3.36 1.98 -10.08
N SER B 173 -3.21 0.88 -10.81
CA SER B 173 -4.19 -0.20 -10.76
C SER B 173 -4.29 -0.78 -9.36
N GLN B 174 -3.37 -0.38 -8.48
CA GLN B 174 -3.35 -0.87 -7.11
C GLN B 174 -3.49 0.26 -6.11
N LEU B 175 -4.11 1.36 -6.53
CA LEU B 175 -4.28 2.51 -5.64
C LEU B 175 -5.52 2.40 -4.76
N THR B 176 -6.48 1.58 -5.19
CA THR B 176 -7.71 1.39 -4.43
C THR B 176 -7.42 0.84 -3.03
N VAL B 177 -6.18 0.43 -2.81
CA VAL B 177 -5.77 -0.11 -1.51
C VAL B 177 -5.57 1.01 -0.49
N CYS B 178 -6.18 2.16 -0.77
CA CYS B 178 -6.10 3.31 0.11
C CYS B 178 -7.45 4.01 0.09
N PRO B 179 -7.71 4.87 1.09
CA PRO B 179 -8.99 5.59 1.15
C PRO B 179 -9.30 6.22 -0.20
N HIS B 180 -10.25 5.63 -0.92
CA HIS B 180 -10.63 6.13 -2.24
C HIS B 180 -12.13 6.19 -2.41
N GLN B 181 -12.57 6.58 -3.60
CA GLN B 181 -13.99 6.68 -3.92
C GLN B 181 -14.10 7.09 -5.39
N TRP B 182 -15.21 6.76 -6.03
CA TRP B 182 -15.38 7.09 -7.44
C TRP B 182 -16.51 8.06 -7.75
N ILE B 183 -16.30 8.87 -8.79
CA ILE B 183 -17.30 9.83 -9.23
C ILE B 183 -17.74 9.46 -10.64
N ASN B 184 -18.56 8.42 -10.73
CA ASN B 184 -19.07 7.95 -12.02
C ASN B 184 -20.29 8.80 -12.38
N LEU B 185 -20.09 9.74 -13.29
CA LEU B 185 -21.15 10.65 -13.73
C LEU B 185 -22.53 10.03 -13.92
N ARG B 186 -22.57 8.76 -14.32
CA ARG B 186 -23.85 8.10 -14.55
C ARG B 186 -24.58 7.76 -13.25
N THR B 187 -23.89 7.93 -12.12
CA THR B 187 -24.48 7.62 -10.83
C THR B 187 -24.35 8.78 -9.84
N ASN B 188 -23.14 8.99 -9.33
CA ASN B 188 -22.90 10.07 -8.38
C ASN B 188 -22.23 11.26 -9.05
N ASN B 189 -22.07 12.35 -8.31
CA ASN B 189 -21.46 13.55 -8.86
C ASN B 189 -20.47 14.18 -7.88
N CYS B 190 -20.07 13.42 -6.87
CA CYS B 190 -19.13 13.92 -5.87
C CYS B 190 -18.66 12.81 -4.94
N ALA B 191 -17.45 12.96 -4.42
CA ALA B 191 -16.86 11.98 -3.51
C ALA B 191 -16.53 12.68 -2.19
N THR B 192 -16.49 11.91 -1.10
CA THR B 192 -16.18 12.48 0.20
C THR B 192 -15.35 11.52 1.05
N ILE B 193 -14.21 12.01 1.55
CA ILE B 193 -13.33 11.20 2.38
C ILE B 193 -12.97 11.91 3.67
N ILE B 194 -12.75 11.13 4.73
CA ILE B 194 -12.39 11.67 6.02
C ILE B 194 -11.10 10.98 6.46
N VAL B 195 -10.08 11.75 6.79
CA VAL B 195 -8.81 11.17 7.18
C VAL B 195 -8.23 11.74 8.47
N PRO B 196 -7.77 10.86 9.37
CA PRO B 196 -7.18 11.26 10.65
C PRO B 196 -5.69 11.58 10.46
N TYR B 197 -5.09 12.27 11.41
CA TYR B 197 -3.68 12.61 11.30
C TYR B 197 -2.89 11.32 11.07
N MET B 198 -1.87 11.40 10.21
CA MET B 198 -1.06 10.23 9.90
C MET B 198 0.42 10.56 9.85
N ASN B 199 1.17 10.03 10.80
CA ASN B 199 2.61 10.26 10.85
C ASN B 199 3.21 9.49 12.02
N THR B 200 4.47 9.10 11.89
CA THR B 200 5.16 8.37 12.95
C THR B 200 5.48 9.28 14.12
N LEU B 201 4.79 10.42 14.18
CA LEU B 201 5.00 11.38 15.25
C LEU B 201 3.69 12.04 15.65
N PRO B 202 3.63 12.61 16.88
CA PRO B 202 2.41 13.26 17.36
C PRO B 202 2.11 14.51 16.55
N PHE B 203 3.13 15.36 16.40
CA PHE B 203 2.99 16.60 15.64
C PHE B 203 4.13 16.68 14.63
N ASP B 204 4.05 17.66 13.72
CA ASP B 204 5.07 17.86 12.71
C ASP B 204 4.72 19.10 11.90
N SER B 205 5.74 19.90 11.57
CA SER B 205 5.53 21.13 10.81
C SER B 205 5.07 20.83 9.39
N ALA B 206 3.93 21.40 9.02
CA ALA B 206 3.36 21.18 7.69
C ALA B 206 4.01 22.08 6.64
N LEU B 207 4.88 22.97 7.10
CA LEU B 207 5.57 23.89 6.20
C LEU B 207 6.55 23.17 5.29
N ASN B 208 7.13 22.07 5.78
CA ASN B 208 8.10 21.31 5.00
C ASN B 208 7.78 19.82 4.84
N HIS B 209 6.71 19.36 5.47
CA HIS B 209 6.34 17.94 5.37
C HIS B 209 4.85 17.73 5.16
N CYS B 210 4.51 16.99 4.11
CA CYS B 210 3.11 16.71 3.78
C CYS B 210 2.75 15.27 4.11
N ASN B 211 1.87 15.11 5.09
CA ASN B 211 1.42 13.79 5.55
C ASN B 211 0.87 12.92 4.43
N PHE B 212 0.34 13.55 3.38
CA PHE B 212 -0.22 12.79 2.27
C PHE B 212 -0.66 13.67 1.12
N GLY B 213 -1.20 13.05 0.08
CA GLY B 213 -1.65 13.80 -1.08
C GLY B 213 -2.91 13.23 -1.70
N LEU B 214 -3.59 14.06 -2.49
CA LEU B 214 -4.82 13.67 -3.16
C LEU B 214 -4.62 13.53 -4.66
N LEU B 215 -5.08 12.42 -5.23
CA LEU B 215 -4.95 12.19 -6.66
C LEU B 215 -6.32 12.03 -7.32
N VAL B 216 -6.50 12.70 -8.45
CA VAL B 216 -7.76 12.64 -9.18
C VAL B 216 -7.44 12.26 -10.63
N VAL B 217 -7.68 11.01 -10.98
CA VAL B 217 -7.39 10.53 -12.32
C VAL B 217 -8.58 9.90 -13.06
N PRO B 218 -8.83 10.34 -14.30
CA PRO B 218 -9.93 9.82 -15.11
C PRO B 218 -9.58 8.44 -15.66
N ILE B 219 -10.24 7.40 -15.16
CA ILE B 219 -9.98 6.05 -15.62
C ILE B 219 -10.85 5.79 -16.85
N SER B 220 -12.03 6.41 -16.85
CA SER B 220 -12.95 6.30 -17.98
C SER B 220 -13.01 7.68 -18.61
N PRO B 221 -12.38 7.85 -19.77
CA PRO B 221 -12.35 9.13 -20.50
C PRO B 221 -13.69 9.82 -20.62
N LEU B 222 -13.73 11.07 -20.16
CA LEU B 222 -14.95 11.87 -20.22
C LEU B 222 -15.38 11.99 -21.68
N ASP B 223 -16.59 11.54 -21.97
CA ASP B 223 -17.10 11.61 -23.34
C ASP B 223 -18.54 12.08 -23.34
N PHE B 224 -18.96 12.67 -24.45
CA PHE B 224 -20.31 13.19 -24.61
C PHE B 224 -20.49 13.69 -26.03
N ASP B 225 -21.67 13.45 -26.61
CA ASP B 225 -21.94 13.91 -27.96
C ASP B 225 -21.94 15.44 -28.02
N GLN B 226 -21.46 15.97 -29.13
CA GLN B 226 -21.38 17.41 -29.33
C GLN B 226 -22.72 18.11 -29.10
N GLY B 227 -22.67 19.29 -28.51
CA GLY B 227 -23.88 20.03 -28.23
C GLY B 227 -24.09 20.28 -26.75
N ALA B 228 -23.74 19.28 -25.94
CA ALA B 228 -23.89 19.39 -24.49
C ALA B 228 -22.73 20.17 -23.91
N THR B 229 -23.03 21.14 -23.05
CA THR B 229 -22.02 22.00 -22.44
C THR B 229 -20.74 21.21 -22.12
N PRO B 230 -19.66 21.49 -22.87
CA PRO B 230 -18.35 20.84 -22.73
C PRO B 230 -17.51 21.32 -21.54
N VAL B 231 -18.01 22.32 -20.83
CA VAL B 231 -17.29 22.84 -19.67
C VAL B 231 -17.62 22.03 -18.43
N ILE B 232 -16.80 21.01 -18.15
CA ILE B 232 -17.01 20.15 -17.00
C ILE B 232 -15.94 20.39 -15.92
N PRO B 233 -16.20 21.31 -14.99
CA PRO B 233 -15.27 21.63 -13.92
C PRO B 233 -15.26 20.62 -12.77
N ILE B 234 -14.12 20.53 -12.10
CA ILE B 234 -13.94 19.63 -10.97
C ILE B 234 -13.37 20.49 -9.84
N THR B 235 -14.17 20.74 -8.81
CA THR B 235 -13.72 21.56 -7.70
C THR B 235 -13.26 20.76 -6.49
N ILE B 236 -12.37 21.35 -5.70
CA ILE B 236 -11.84 20.71 -4.50
C ILE B 236 -12.18 21.53 -3.27
N THR B 237 -12.79 20.88 -2.28
CA THR B 237 -13.17 21.54 -1.03
C THR B 237 -12.78 20.65 0.14
N LEU B 238 -11.96 21.18 1.04
CA LEU B 238 -11.52 20.42 2.21
C LEU B 238 -11.75 21.17 3.51
N ALA B 239 -11.67 20.47 4.63
CA ALA B 239 -11.89 21.08 5.93
C ALA B 239 -11.09 20.39 7.02
N PRO B 240 -10.26 21.17 7.76
CA PRO B 240 -9.45 20.62 8.84
C PRO B 240 -10.33 20.11 9.99
N MET B 241 -9.80 19.18 10.76
CA MET B 241 -10.54 18.59 11.88
C MET B 241 -9.61 18.32 13.06
N CYS B 242 -9.99 18.79 14.25
CA CYS B 242 -9.19 18.58 15.44
C CYS B 242 -7.82 19.22 15.27
N SER B 243 -7.81 20.47 14.82
CA SER B 243 -6.58 21.20 14.59
C SER B 243 -5.86 21.55 15.89
N GLU B 244 -4.59 21.19 15.96
CA GLU B 244 -3.76 21.47 17.13
C GLU B 244 -2.39 21.98 16.69
N PHE B 245 -1.99 23.12 17.23
CA PHE B 245 -0.69 23.70 16.88
C PHE B 245 0.13 23.98 18.13
N ALA B 246 1.43 23.74 18.05
CA ALA B 246 2.32 23.96 19.17
C ALA B 246 3.59 24.69 18.74
N GLY B 247 4.47 24.96 19.69
CA GLY B 247 5.71 25.64 19.40
C GLY B 247 5.49 26.99 18.75
N LEU B 248 4.82 27.90 19.45
CA LEU B 248 4.55 29.23 18.93
C LEU B 248 5.84 30.03 18.80
N ARG B 249 6.04 30.61 17.63
CA ARG B 249 7.24 31.39 17.35
C ARG B 249 6.95 32.47 16.32
N GLN B 250 8.02 32.96 15.70
CA GLN B 250 7.93 33.98 14.67
C GLN B 250 7.20 33.37 13.48
N ALA B 251 6.66 34.22 12.61
CA ALA B 251 5.94 33.75 11.42
C ALA B 251 6.92 33.25 10.36
N VAL B 252 6.67 32.05 9.84
CA VAL B 252 7.53 31.47 8.81
C VAL B 252 6.71 31.09 7.59
N THR B 253 7.37 30.97 6.44
CA THR B 253 6.67 30.62 5.19
C THR B 253 7.04 29.26 4.63
N GLN B 254 8.32 28.90 4.72
CA GLN B 254 8.79 27.60 4.20
C GLN B 254 10.12 27.18 4.81
N GLY C 1 34.15 -29.77 31.65
CA GLY C 1 32.94 -29.22 30.98
C GLY C 1 31.79 -30.21 30.89
N PHE C 2 30.72 -29.83 30.20
CA PHE C 2 29.55 -30.69 30.06
C PHE C 2 29.56 -31.47 28.75
N PRO C 3 29.40 -32.80 28.82
CA PRO C 3 29.38 -33.68 27.65
C PRO C 3 28.39 -33.27 26.56
N THR C 4 28.92 -32.78 25.45
CA THR C 4 28.10 -32.37 24.32
C THR C 4 28.57 -33.12 23.07
N GLU C 5 27.74 -33.14 22.03
CA GLU C 5 28.08 -33.84 20.80
C GLU C 5 27.38 -33.19 19.61
N PRO C 6 27.89 -32.03 19.16
CA PRO C 6 27.34 -31.28 18.02
C PRO C 6 26.91 -32.17 16.85
N LYS C 7 25.68 -31.99 16.40
CA LYS C 7 25.14 -32.77 15.30
C LYS C 7 25.21 -31.98 13.99
N PRO C 8 24.90 -32.63 12.86
CA PRO C 8 24.93 -31.96 11.55
C PRO C 8 24.19 -30.63 11.57
N GLY C 9 24.67 -29.67 10.79
CA GLY C 9 24.05 -28.36 10.72
C GLY C 9 24.81 -27.35 11.54
N THR C 10 25.78 -27.83 12.33
CA THR C 10 26.59 -26.97 13.15
C THR C 10 27.26 -25.89 12.33
N ASN C 11 27.23 -24.66 12.85
CA ASN C 11 27.84 -23.50 12.19
C ASN C 11 27.19 -23.11 10.88
N GLN C 12 26.07 -23.75 10.54
CA GLN C 12 25.38 -23.42 9.30
C GLN C 12 24.50 -22.20 9.52
N PHE C 13 24.23 -21.48 8.44
CA PHE C 13 23.39 -20.29 8.51
C PHE C 13 22.16 -20.42 7.63
N LEU C 14 21.00 -20.55 8.26
CA LEU C 14 19.74 -20.67 7.54
C LEU C 14 19.03 -19.33 7.46
N THR C 15 18.69 -18.93 6.24
CA THR C 15 17.99 -17.67 6.00
C THR C 15 16.74 -17.52 6.83
N THR C 16 15.89 -18.54 6.79
CA THR C 16 14.62 -18.53 7.50
C THR C 16 14.61 -19.30 8.82
N ASP C 17 15.66 -19.12 9.62
CA ASP C 17 15.76 -19.79 10.90
C ASP C 17 15.48 -18.77 12.01
N ASP C 18 14.49 -19.07 12.85
CA ASP C 18 14.13 -18.18 13.94
C ASP C 18 14.94 -18.54 15.18
N GLY C 19 15.96 -17.74 15.48
CA GLY C 19 16.80 -17.99 16.63
C GLY C 19 17.21 -16.72 17.35
N VAL C 20 17.92 -16.88 18.47
CA VAL C 20 18.37 -15.74 19.24
C VAL C 20 19.75 -15.27 18.82
N SER C 21 20.11 -14.07 19.28
CA SER C 21 21.41 -13.48 18.97
C SER C 21 21.75 -12.42 20.01
N ALA C 22 23.01 -12.38 20.41
CA ALA C 22 23.47 -11.42 21.41
C ALA C 22 23.03 -9.99 21.13
N PRO C 23 22.58 -9.27 22.15
CA PRO C 23 22.12 -7.88 22.02
C PRO C 23 23.30 -6.93 21.86
N ILE C 24 23.14 -5.93 21.01
CA ILE C 24 24.18 -4.95 20.76
C ILE C 24 24.13 -3.77 21.72
N LEU C 25 22.97 -3.53 22.31
CA LEU C 25 22.80 -2.41 23.23
C LEU C 25 22.15 -2.82 24.54
N PRO C 26 22.95 -3.17 25.55
CA PRO C 26 22.42 -3.57 26.85
C PRO C 26 21.59 -2.47 27.49
N ASN C 27 20.36 -2.80 27.86
CA ASN C 27 19.45 -1.87 28.50
C ASN C 27 18.93 -0.75 27.59
N PHE C 28 18.80 -1.05 26.29
CA PHE C 28 18.30 -0.05 25.35
C PHE C 28 16.79 -0.05 25.40
N HIS C 29 16.17 1.08 25.10
CA HIS C 29 14.72 1.19 25.11
C HIS C 29 14.20 1.96 23.91
N PRO C 30 13.52 1.27 22.99
CA PRO C 30 12.96 1.88 21.78
C PRO C 30 11.99 3.02 22.08
N THR C 31 12.01 4.02 21.21
CA THR C 31 11.12 5.17 21.37
C THR C 31 9.68 4.67 21.44
N PRO C 32 8.90 5.17 22.41
CA PRO C 32 7.51 4.76 22.58
C PRO C 32 6.79 4.64 21.25
N CYS C 33 5.95 3.62 21.12
CA CYS C 33 5.21 3.39 19.88
C CYS C 33 3.88 4.15 19.86
N ILE C 34 3.88 5.32 19.21
CA ILE C 34 2.68 6.13 19.11
C ILE C 34 1.62 5.37 18.33
N HIS C 35 0.36 5.78 18.47
CA HIS C 35 -0.72 5.14 17.77
C HIS C 35 -0.81 5.72 16.36
N ILE C 36 -0.80 4.84 15.36
CA ILE C 36 -0.88 5.28 13.97
C ILE C 36 -2.03 4.59 13.24
N PRO C 37 -2.83 5.38 12.48
CA PRO C 37 -3.98 4.87 11.72
C PRO C 37 -3.67 3.71 10.79
N GLY C 38 -4.72 2.98 10.42
CA GLY C 38 -4.59 1.86 9.51
C GLY C 38 -3.40 0.95 9.66
N GLU C 39 -3.32 0.22 10.77
CA GLU C 39 -2.22 -0.70 10.97
C GLU C 39 -2.63 -2.04 10.35
N VAL C 40 -1.66 -2.82 9.92
CA VAL C 40 -1.95 -4.12 9.31
C VAL C 40 -1.50 -5.26 10.22
N ARG C 41 -2.26 -6.36 10.19
CA ARG C 41 -1.96 -7.52 11.01
C ARG C 41 -1.60 -8.72 10.15
N ASN C 42 -2.43 -8.99 9.15
CA ASN C 42 -2.20 -10.11 8.25
C ASN C 42 -2.36 -9.66 6.80
N LEU C 43 -1.61 -10.30 5.91
CA LEU C 43 -1.64 -9.97 4.49
C LEU C 43 -2.99 -10.24 3.83
N LEU C 44 -3.71 -11.24 4.33
CA LEU C 44 -5.01 -11.59 3.77
C LEU C 44 -6.00 -10.44 3.93
N GLU C 45 -5.61 -9.43 4.71
CA GLU C 45 -6.46 -8.26 4.93
C GLU C 45 -6.45 -7.39 3.68
N LEU C 46 -5.40 -7.57 2.86
CA LEU C 46 -5.26 -6.80 1.64
C LEU C 46 -5.95 -7.50 0.47
N CYS C 47 -5.84 -8.83 0.44
CA CYS C 47 -6.45 -9.62 -0.61
C CYS C 47 -7.96 -9.41 -0.65
N GLN C 48 -8.50 -8.83 0.42
CA GLN C 48 -9.93 -8.57 0.52
C GLN C 48 -10.27 -7.31 -0.28
N VAL C 49 -9.31 -6.39 -0.33
CA VAL C 49 -9.48 -5.13 -1.05
C VAL C 49 -9.43 -5.34 -2.56
N GLU C 50 -10.38 -4.74 -3.26
CA GLU C 50 -10.45 -4.85 -4.71
C GLU C 50 -9.55 -3.83 -5.40
N THR C 51 -8.79 -4.31 -6.39
CA THR C 51 -7.90 -3.46 -7.16
C THR C 51 -8.19 -3.61 -8.64
N ILE C 52 -7.90 -2.58 -9.43
CA ILE C 52 -8.16 -2.58 -10.86
C ILE C 52 -7.51 -3.75 -11.59
N LEU C 53 -8.32 -4.53 -12.29
CA LEU C 53 -7.85 -5.68 -13.06
C LEU C 53 -7.67 -5.26 -14.51
N GLU C 54 -6.45 -5.39 -15.02
CA GLU C 54 -6.15 -5.03 -16.40
C GLU C 54 -6.49 -6.13 -17.39
N VAL C 55 -7.76 -6.19 -17.78
CA VAL C 55 -8.19 -7.20 -18.75
C VAL C 55 -7.72 -6.76 -20.13
N ASN C 56 -8.02 -5.51 -20.47
CA ASN C 56 -7.62 -4.94 -21.75
C ASN C 56 -6.15 -4.52 -21.64
N ASN C 57 -5.28 -5.51 -21.52
CA ASN C 57 -3.84 -5.26 -21.38
C ASN C 57 -3.07 -5.38 -22.70
N VAL C 58 -3.79 -5.31 -23.81
CA VAL C 58 -3.15 -5.41 -25.12
C VAL C 58 -2.28 -4.20 -25.47
N PRO C 59 -2.83 -2.97 -25.33
CA PRO C 59 -2.08 -1.74 -25.62
C PRO C 59 -0.83 -1.57 -24.77
N THR C 60 0.25 -1.09 -25.38
CA THR C 60 1.53 -0.88 -24.67
C THR C 60 2.27 0.32 -25.24
N ASN C 61 1.54 1.20 -25.90
CA ASN C 61 2.09 2.39 -26.54
C ASN C 61 2.89 3.29 -25.61
N ALA C 62 2.66 3.16 -24.30
CA ALA C 62 3.33 3.98 -23.31
C ALA C 62 2.57 5.31 -23.27
N THR C 63 1.73 5.52 -24.27
CA THR C 63 0.89 6.71 -24.38
C THR C 63 -0.53 6.21 -24.22
N SER C 64 -0.67 4.89 -24.34
CA SER C 64 -1.95 4.22 -24.21
C SER C 64 -1.90 3.14 -23.15
N LEU C 65 -1.07 3.35 -22.13
CA LEU C 65 -0.94 2.40 -21.04
C LEU C 65 -2.06 2.60 -20.02
N MET C 66 -2.73 3.73 -20.13
CA MET C 66 -3.83 4.06 -19.22
C MET C 66 -5.14 3.41 -19.60
N GLU C 67 -5.24 2.98 -20.86
CA GLU C 67 -6.47 2.33 -21.32
C GLU C 67 -6.44 0.83 -21.03
N ARG C 68 -5.35 0.38 -20.40
CA ARG C 68 -5.22 -1.03 -20.06
C ARG C 68 -6.13 -1.29 -18.86
N LEU C 69 -6.43 -0.24 -18.12
CA LEU C 69 -7.27 -0.32 -16.94
C LEU C 69 -8.76 -0.36 -17.29
N ARG C 70 -9.13 0.40 -18.32
CA ARG C 70 -10.51 0.46 -18.75
C ARG C 70 -10.96 -0.76 -19.52
N PHE C 71 -12.05 -0.61 -20.26
CA PHE C 71 -12.60 -1.71 -21.03
C PHE C 71 -13.65 -1.18 -22.02
N PRO C 72 -13.60 -1.63 -23.28
CA PRO C 72 -14.54 -1.19 -24.32
C PRO C 72 -15.85 -1.97 -24.39
N VAL C 73 -16.95 -1.25 -24.61
CA VAL C 73 -18.27 -1.86 -24.72
C VAL C 73 -19.17 -1.01 -25.62
N SER C 74 -19.14 -1.31 -26.91
CA SER C 74 -19.92 -0.58 -27.90
C SER C 74 -21.31 -1.17 -28.12
N ALA C 75 -22.11 -0.46 -28.90
CA ALA C 75 -23.47 -0.90 -29.22
C ALA C 75 -23.43 -1.87 -30.39
N GLN C 76 -23.26 -3.16 -30.09
CA GLN C 76 -23.21 -4.18 -31.13
C GLN C 76 -24.57 -4.26 -31.83
N ALA C 77 -24.74 -5.29 -32.65
CA ALA C 77 -25.99 -5.46 -33.38
C ALA C 77 -26.45 -6.91 -33.37
N GLY C 78 -25.50 -7.84 -33.47
CA GLY C 78 -25.83 -9.25 -33.50
C GLY C 78 -26.21 -9.85 -32.15
N LYS C 79 -26.63 -11.11 -32.18
CA LYS C 79 -27.02 -11.82 -30.97
C LYS C 79 -25.89 -12.71 -30.46
N GLY C 80 -25.45 -12.45 -29.23
CA GLY C 80 -24.41 -13.25 -28.62
C GLY C 80 -22.97 -12.86 -28.90
N GLU C 81 -22.66 -11.57 -28.84
CA GLU C 81 -21.30 -11.11 -29.07
C GLU C 81 -20.40 -11.44 -27.89
N LEU C 82 -19.11 -11.66 -28.15
CA LEU C 82 -18.16 -11.93 -27.09
C LEU C 82 -17.47 -10.59 -26.83
N CYS C 83 -17.38 -10.18 -25.58
CA CYS C 83 -16.77 -8.90 -25.25
C CYS C 83 -15.34 -9.02 -24.75
N ALA C 84 -15.10 -10.02 -23.90
CA ALA C 84 -13.76 -10.22 -23.35
C ALA C 84 -13.56 -11.62 -22.82
N VAL C 85 -12.30 -12.00 -22.63
CA VAL C 85 -11.93 -13.30 -22.13
C VAL C 85 -10.59 -13.16 -21.41
N PHE C 86 -10.37 -13.98 -20.39
CA PHE C 86 -9.12 -13.93 -19.65
C PHE C 86 -8.96 -15.09 -18.67
N ARG C 87 -7.70 -15.33 -18.27
CA ARG C 87 -7.39 -16.40 -17.33
C ARG C 87 -8.02 -16.19 -15.97
N ALA C 88 -8.29 -17.28 -15.27
CA ALA C 88 -8.89 -17.23 -13.95
C ALA C 88 -7.83 -17.40 -12.87
N ASP C 89 -6.58 -17.51 -13.28
CA ASP C 89 -5.47 -17.69 -12.35
C ASP C 89 -4.90 -16.35 -11.87
N PRO C 90 -4.88 -16.12 -10.55
CA PRO C 90 -4.38 -14.90 -9.92
C PRO C 90 -2.87 -14.69 -10.03
N GLY C 91 -2.11 -15.67 -9.58
CA GLY C 91 -0.66 -15.57 -9.63
C GLY C 91 -0.05 -15.84 -10.99
N ARG C 92 -0.89 -15.82 -12.02
CA ARG C 92 -0.41 -16.06 -13.38
C ARG C 92 0.00 -14.74 -14.03
N ASP C 93 0.83 -14.83 -15.06
CA ASP C 93 1.30 -13.63 -15.76
C ASP C 93 0.18 -12.94 -16.55
N GLY C 94 -1.04 -13.45 -16.42
CA GLY C 94 -2.16 -12.86 -17.13
C GLY C 94 -2.52 -11.48 -16.62
N PRO C 95 -3.76 -11.01 -16.90
CA PRO C 95 -4.25 -9.70 -16.48
C PRO C 95 -4.20 -9.47 -14.96
N TRP C 96 -4.21 -10.56 -14.20
CA TRP C 96 -4.18 -10.47 -12.74
C TRP C 96 -2.86 -9.91 -12.23
N GLN C 97 -2.05 -9.39 -13.13
CA GLN C 97 -0.76 -8.83 -12.75
C GLN C 97 -0.96 -7.48 -12.07
N SER C 98 -1.94 -6.73 -12.56
CA SER C 98 -2.24 -5.41 -12.02
C SER C 98 -2.80 -5.48 -10.61
N THR C 99 -3.77 -6.35 -10.40
CA THR C 99 -4.40 -6.52 -9.10
C THR C 99 -3.41 -6.68 -7.96
N MET C 100 -3.72 -6.07 -6.82
CA MET C 100 -2.87 -6.16 -5.64
C MET C 100 -2.74 -7.62 -5.26
N LEU C 101 -3.88 -8.30 -5.23
CA LEU C 101 -3.93 -9.72 -4.89
C LEU C 101 -2.92 -10.49 -5.74
N GLY C 102 -2.96 -10.26 -7.05
CA GLY C 102 -2.05 -10.93 -7.95
C GLY C 102 -0.59 -10.76 -7.58
N GLN C 103 -0.18 -9.52 -7.34
CA GLN C 103 1.21 -9.22 -6.97
C GLN C 103 1.64 -9.91 -5.69
N LEU C 104 0.71 -10.05 -4.75
CA LEU C 104 1.00 -10.69 -3.48
C LEU C 104 1.29 -12.17 -3.69
N CYS C 105 0.45 -12.81 -4.49
CA CYS C 105 0.60 -14.24 -4.78
C CYS C 105 2.01 -14.59 -5.22
N GLY C 106 2.65 -13.68 -5.95
CA GLY C 106 4.00 -13.92 -6.41
C GLY C 106 4.96 -14.26 -5.29
N TYR C 107 4.55 -13.93 -4.06
CA TYR C 107 5.37 -14.19 -2.88
C TYR C 107 4.98 -15.48 -2.18
N TYR C 108 3.98 -16.16 -2.72
CA TYR C 108 3.51 -17.42 -2.16
C TYR C 108 3.43 -18.46 -3.27
N THR C 109 3.57 -19.72 -2.89
CA THR C 109 3.55 -20.80 -3.88
C THR C 109 2.17 -21.37 -4.15
N GLN C 110 1.35 -21.49 -3.11
CA GLN C 110 0.01 -22.04 -3.26
C GLN C 110 -1.07 -21.18 -2.62
N TRP C 111 -2.32 -21.46 -2.95
CA TRP C 111 -3.44 -20.70 -2.42
C TRP C 111 -4.72 -21.53 -2.28
N SER C 112 -5.80 -20.86 -1.92
CA SER C 112 -7.10 -21.50 -1.74
C SER C 112 -8.18 -20.47 -1.45
N GLY C 113 -9.38 -20.70 -1.96
CA GLY C 113 -10.47 -19.77 -1.73
C GLY C 113 -11.14 -19.28 -2.99
N SER C 114 -12.33 -18.69 -2.83
CA SER C 114 -13.08 -18.16 -3.96
C SER C 114 -12.57 -16.75 -4.28
N LEU C 115 -12.98 -16.21 -5.41
CA LEU C 115 -12.54 -14.88 -5.82
C LEU C 115 -13.68 -14.03 -6.35
N GLU C 116 -13.73 -12.77 -5.90
CA GLU C 116 -14.76 -11.84 -6.33
C GLU C 116 -14.19 -10.81 -7.30
N VAL C 117 -14.98 -10.48 -8.31
CA VAL C 117 -14.55 -9.50 -9.31
C VAL C 117 -15.75 -8.64 -9.71
N THR C 118 -15.77 -7.41 -9.22
CA THR C 118 -16.86 -6.48 -9.49
C THR C 118 -16.61 -5.68 -10.77
N PHE C 119 -17.66 -5.50 -11.56
CA PHE C 119 -17.58 -4.73 -12.80
C PHE C 119 -18.45 -3.49 -12.70
N MET C 120 -17.86 -2.34 -13.00
CA MET C 120 -18.59 -1.07 -12.93
C MET C 120 -18.73 -0.43 -14.30
N PHE C 121 -19.96 -0.08 -14.66
CA PHE C 121 -20.24 0.57 -15.94
C PHE C 121 -20.05 2.07 -15.77
N THR C 122 -19.26 2.67 -16.66
CA THR C 122 -18.99 4.10 -16.60
C THR C 122 -19.76 4.90 -17.66
N GLY C 123 -20.32 4.20 -18.64
CA GLY C 123 -21.07 4.86 -19.69
C GLY C 123 -22.14 5.81 -19.19
N SER C 124 -22.73 6.54 -20.12
CA SER C 124 -23.77 7.51 -19.80
C SER C 124 -24.91 6.86 -19.03
N PHE C 125 -25.64 7.66 -18.26
CA PHE C 125 -26.76 7.17 -17.47
C PHE C 125 -27.87 6.60 -18.35
N MET C 126 -28.05 7.20 -19.52
CA MET C 126 -29.09 6.75 -20.45
C MET C 126 -28.78 5.40 -21.06
N ALA C 127 -27.52 4.98 -20.97
CA ALA C 127 -27.09 3.70 -21.52
C ALA C 127 -27.67 2.52 -20.74
N THR C 128 -28.40 1.66 -21.45
CA THR C 128 -29.02 0.49 -20.84
C THR C 128 -28.41 -0.79 -21.41
N GLY C 129 -28.69 -1.92 -20.78
CA GLY C 129 -28.14 -3.17 -21.28
C GLY C 129 -28.28 -4.35 -20.34
N LYS C 130 -27.83 -5.51 -20.81
CA LYS C 130 -27.86 -6.75 -20.06
C LYS C 130 -26.76 -7.65 -20.61
N MET C 131 -25.93 -8.19 -19.72
CA MET C 131 -24.84 -9.05 -20.17
C MET C 131 -24.64 -10.29 -19.31
N LEU C 132 -24.17 -11.36 -19.96
CA LEU C 132 -23.93 -12.63 -19.30
C LEU C 132 -22.44 -12.84 -19.04
N ILE C 133 -22.05 -12.81 -17.77
CA ILE C 133 -20.66 -13.02 -17.38
C ILE C 133 -20.53 -14.46 -16.93
N ALA C 134 -19.79 -15.26 -17.69
CA ALA C 134 -19.64 -16.67 -17.36
C ALA C 134 -18.26 -17.05 -16.84
N TYR C 135 -18.20 -18.20 -16.17
CA TYR C 135 -16.99 -18.76 -15.61
C TYR C 135 -16.94 -20.24 -15.92
N THR C 136 -16.09 -20.63 -16.86
CA THR C 136 -15.96 -22.03 -17.24
C THR C 136 -14.92 -22.73 -16.37
N PRO C 137 -15.38 -23.58 -15.44
CA PRO C 137 -14.49 -24.32 -14.54
C PRO C 137 -13.37 -25.03 -15.29
N PRO C 138 -12.29 -25.39 -14.58
CA PRO C 138 -11.15 -26.09 -15.20
C PRO C 138 -11.57 -27.27 -16.04
N GLY C 139 -10.86 -27.49 -17.14
CA GLY C 139 -11.18 -28.60 -18.02
C GLY C 139 -12.07 -28.17 -19.18
N GLY C 140 -12.81 -27.08 -18.99
CA GLY C 140 -13.68 -26.60 -20.04
C GLY C 140 -12.97 -25.60 -20.96
N PRO C 141 -12.89 -25.90 -22.26
CA PRO C 141 -12.22 -25.01 -23.22
C PRO C 141 -13.01 -23.72 -23.42
N LEU C 142 -12.32 -22.67 -23.87
CA LEU C 142 -12.95 -21.38 -24.10
C LEU C 142 -14.19 -21.54 -24.98
N PRO C 143 -15.38 -21.20 -24.45
CA PRO C 143 -16.63 -21.32 -25.21
C PRO C 143 -16.63 -20.42 -26.44
N LYS C 144 -17.33 -20.85 -27.48
CA LYS C 144 -17.42 -20.08 -28.70
C LYS C 144 -18.80 -19.47 -28.87
N ASP C 145 -19.76 -19.97 -28.10
CA ASP C 145 -21.13 -19.48 -28.16
C ASP C 145 -21.60 -18.97 -26.81
N ARG C 146 -22.39 -17.90 -26.82
CA ARG C 146 -22.92 -17.35 -25.59
C ARG C 146 -23.81 -18.42 -24.98
N ALA C 147 -24.23 -19.37 -25.83
CA ALA C 147 -25.08 -20.47 -25.41
C ALA C 147 -24.23 -21.59 -24.81
N THR C 148 -22.98 -21.69 -25.26
CA THR C 148 -22.08 -22.72 -24.76
C THR C 148 -21.34 -22.23 -23.51
N ALA C 149 -21.35 -20.92 -23.31
CA ALA C 149 -20.68 -20.32 -22.16
C ALA C 149 -21.57 -20.34 -20.92
N MET C 150 -22.88 -20.21 -21.12
CA MET C 150 -23.83 -20.20 -20.02
C MET C 150 -24.02 -21.56 -19.35
N LEU C 151 -23.33 -22.58 -19.85
CA LEU C 151 -23.44 -23.93 -19.29
C LEU C 151 -22.67 -24.03 -17.97
N GLY C 152 -21.83 -23.03 -17.71
CA GLY C 152 -21.04 -23.03 -16.49
C GLY C 152 -21.60 -22.03 -15.49
N THR C 153 -20.78 -21.63 -14.53
CA THR C 153 -21.21 -20.67 -13.53
C THR C 153 -21.22 -19.27 -14.11
N HIS C 154 -22.41 -18.70 -14.29
CA HIS C 154 -22.54 -17.37 -14.85
C HIS C 154 -23.44 -16.46 -14.03
N VAL C 155 -23.69 -15.26 -14.54
CA VAL C 155 -24.53 -14.28 -13.87
C VAL C 155 -24.89 -13.12 -14.80
N ILE C 156 -26.18 -12.95 -15.06
CA ILE C 156 -26.67 -11.88 -15.91
C ILE C 156 -26.62 -10.55 -15.16
N TRP C 157 -26.25 -9.48 -15.86
CA TRP C 157 -26.14 -8.17 -15.24
C TRP C 157 -26.90 -7.08 -16.01
N ASP C 158 -27.67 -6.28 -15.27
CA ASP C 158 -28.44 -5.19 -15.87
C ASP C 158 -27.85 -3.85 -15.46
N PHE C 159 -27.97 -2.86 -16.33
CA PHE C 159 -27.44 -1.53 -16.07
C PHE C 159 -28.48 -0.60 -15.45
N GLY C 160 -28.02 0.29 -14.58
CA GLY C 160 -28.93 1.23 -13.93
C GLY C 160 -28.24 1.97 -12.80
N LEU C 161 -29.00 2.30 -11.75
CA LEU C 161 -28.45 3.01 -10.60
C LEU C 161 -27.25 2.25 -10.04
N GLN C 162 -27.42 0.94 -9.86
CA GLN C 162 -26.35 0.11 -9.35
C GLN C 162 -25.38 -0.21 -10.48
N SER C 163 -24.51 0.75 -10.77
CA SER C 163 -23.52 0.61 -11.82
C SER C 163 -22.74 -0.70 -11.71
N SER C 164 -22.19 -0.95 -10.54
CA SER C 164 -21.40 -2.15 -10.30
C SER C 164 -22.21 -3.44 -10.17
N VAL C 165 -21.48 -4.56 -10.16
CA VAL C 165 -22.04 -5.89 -10.03
C VAL C 165 -20.85 -6.81 -9.83
N THR C 166 -20.95 -7.74 -8.88
CA THR C 166 -19.82 -8.63 -8.61
C THR C 166 -20.07 -10.09 -8.96
N LEU C 167 -19.07 -10.71 -9.58
CA LEU C 167 -19.15 -12.11 -9.95
C LEU C 167 -18.20 -12.86 -9.03
N VAL C 168 -18.72 -13.90 -8.37
CA VAL C 168 -17.90 -14.68 -7.46
C VAL C 168 -17.45 -15.99 -8.10
N ILE C 169 -16.14 -16.19 -8.11
CA ILE C 169 -15.56 -17.41 -8.67
C ILE C 169 -15.38 -18.42 -7.54
N PRO C 170 -16.38 -19.30 -7.36
CA PRO C 170 -16.31 -20.32 -6.31
C PRO C 170 -15.11 -21.23 -6.45
N TRP C 171 -14.36 -21.40 -5.36
CA TRP C 171 -13.20 -22.27 -5.38
C TRP C 171 -13.65 -23.68 -5.73
N ILE C 172 -13.56 -24.02 -7.01
CA ILE C 172 -13.95 -25.34 -7.48
C ILE C 172 -12.69 -26.05 -7.98
N SER C 173 -12.04 -26.79 -7.09
CA SER C 173 -10.82 -27.50 -7.43
C SER C 173 -10.83 -28.93 -6.94
N ASN C 174 -9.88 -29.71 -7.44
CA ASN C 174 -9.75 -31.11 -7.04
C ASN C 174 -8.80 -31.20 -5.86
N THR C 175 -7.96 -30.17 -5.71
CA THR C 175 -6.98 -30.12 -4.63
C THR C 175 -7.34 -29.03 -3.63
N HIS C 176 -6.98 -29.24 -2.37
CA HIS C 176 -7.26 -28.26 -1.32
C HIS C 176 -6.59 -26.93 -1.67
N TYR C 177 -5.36 -27.01 -2.14
CA TYR C 177 -4.61 -25.81 -2.53
C TYR C 177 -4.22 -25.90 -3.99
N ARG C 178 -3.91 -24.75 -4.59
CA ARG C 178 -3.50 -24.69 -5.98
C ARG C 178 -2.15 -24.01 -6.12
N ALA C 179 -1.33 -24.51 -7.05
CA ALA C 179 -0.03 -23.93 -7.31
C ALA C 179 -0.23 -22.97 -8.48
N HIS C 180 0.55 -21.91 -8.53
CA HIS C 180 0.40 -20.94 -9.61
C HIS C 180 0.57 -21.59 -10.99
N ALA C 181 -0.51 -21.60 -11.75
CA ALA C 181 -0.51 -22.19 -13.08
C ALA C 181 0.39 -21.43 -14.05
N ARG C 182 1.11 -22.17 -14.89
CA ARG C 182 2.03 -21.55 -15.84
C ARG C 182 2.21 -22.38 -17.12
N ASP C 183 1.12 -22.60 -17.85
CA ASP C 183 1.17 -23.35 -19.11
C ASP C 183 1.54 -24.83 -18.96
N GLY C 184 2.68 -25.19 -19.55
CA GLY C 184 3.13 -26.57 -19.52
C GLY C 184 2.98 -27.34 -18.22
N VAL C 185 2.11 -28.35 -18.25
CA VAL C 185 1.84 -29.19 -17.08
C VAL C 185 1.26 -28.45 -15.89
N PHE C 186 1.95 -27.43 -15.42
CA PHE C 186 1.49 -26.65 -14.28
C PHE C 186 0.20 -25.91 -14.57
N ASP C 187 -0.60 -26.48 -15.46
CA ASP C 187 -1.89 -25.90 -15.80
C ASP C 187 -2.90 -26.76 -15.05
N TYR C 188 -2.38 -27.82 -14.44
CA TYR C 188 -3.17 -28.74 -13.64
C TYR C 188 -3.80 -27.94 -12.50
N TYR C 189 -3.30 -26.72 -12.32
CA TYR C 189 -3.80 -25.84 -11.28
C TYR C 189 -4.51 -24.62 -11.86
N THR C 190 -4.98 -24.73 -13.09
CA THR C 190 -5.69 -23.61 -13.72
C THR C 190 -7.03 -23.48 -13.00
N THR C 191 -7.49 -22.24 -12.86
CA THR C 191 -8.76 -21.98 -12.18
C THR C 191 -9.90 -21.89 -13.20
N GLY C 192 -9.58 -22.05 -14.47
CA GLY C 192 -10.59 -21.98 -15.50
C GLY C 192 -10.48 -20.75 -16.36
N LEU C 193 -11.61 -20.32 -16.92
CA LEU C 193 -11.64 -19.14 -17.78
C LEU C 193 -12.87 -18.29 -17.51
N VAL C 194 -12.82 -17.04 -17.95
CA VAL C 194 -13.94 -16.13 -17.76
C VAL C 194 -14.28 -15.43 -19.06
N SER C 195 -15.54 -15.53 -19.48
CA SER C 195 -16.00 -14.91 -20.71
C SER C 195 -17.14 -13.93 -20.44
N ILE C 196 -17.29 -12.96 -21.33
CA ILE C 196 -18.34 -11.96 -21.20
C ILE C 196 -19.08 -11.83 -22.53
N TRP C 197 -20.41 -11.92 -22.49
CA TRP C 197 -21.20 -11.84 -23.71
C TRP C 197 -22.35 -10.86 -23.58
N TYR C 198 -22.86 -10.40 -24.73
CA TYR C 198 -23.97 -9.47 -24.75
C TYR C 198 -25.28 -10.24 -24.65
N GLN C 199 -25.99 -10.09 -23.54
CA GLN C 199 -27.26 -10.78 -23.35
C GLN C 199 -28.26 -10.14 -24.32
N THR C 200 -28.23 -8.81 -24.39
CA THR C 200 -29.09 -8.05 -25.27
C THR C 200 -28.24 -7.12 -26.14
N ASN C 201 -28.30 -5.82 -25.86
CA ASN C 201 -27.50 -4.86 -26.62
C ASN C 201 -27.33 -3.51 -25.90
N TYR C 202 -26.25 -2.82 -26.24
CA TYR C 202 -25.94 -1.52 -25.65
C TYR C 202 -26.89 -0.45 -26.20
N VAL C 203 -28.10 -0.41 -25.65
CA VAL C 203 -29.10 0.57 -26.08
C VAL C 203 -28.79 1.97 -25.59
N VAL C 204 -28.81 2.94 -26.50
CA VAL C 204 -28.53 4.33 -26.16
C VAL C 204 -29.45 5.30 -26.89
N PRO C 205 -29.93 6.34 -26.19
CA PRO C 205 -30.82 7.34 -26.78
C PRO C 205 -30.09 8.22 -27.77
N ILE C 206 -30.80 9.17 -28.36
CA ILE C 206 -30.20 10.09 -29.32
C ILE C 206 -29.56 11.27 -28.60
N GLY C 207 -28.23 11.22 -28.47
CA GLY C 207 -27.53 12.31 -27.81
C GLY C 207 -26.55 11.86 -26.76
N ALA C 208 -26.35 10.54 -26.65
CA ALA C 208 -25.42 9.98 -25.68
C ALA C 208 -24.32 9.20 -26.40
N PRO C 209 -23.12 9.15 -25.80
CA PRO C 209 -21.97 8.43 -26.37
C PRO C 209 -22.37 7.07 -26.94
N ASN C 210 -21.93 6.79 -28.16
CA ASN C 210 -22.25 5.52 -28.82
C ASN C 210 -21.32 4.41 -28.36
N THR C 211 -20.44 4.71 -27.41
CA THR C 211 -19.50 3.74 -26.87
C THR C 211 -19.13 4.10 -25.44
N ALA C 212 -19.18 3.12 -24.55
CA ALA C 212 -18.84 3.34 -23.15
C ALA C 212 -17.73 2.42 -22.69
N TYR C 213 -17.40 2.50 -21.40
CA TYR C 213 -16.34 1.67 -20.84
C TYR C 213 -16.74 1.03 -19.51
N ILE C 214 -16.03 -0.04 -19.14
CA ILE C 214 -16.28 -0.75 -17.90
C ILE C 214 -14.96 -0.97 -17.19
N ILE C 215 -15.00 -1.03 -15.86
CA ILE C 215 -13.79 -1.23 -15.08
C ILE C 215 -13.94 -2.46 -14.19
N ALA C 216 -12.94 -3.33 -14.23
CA ALA C 216 -12.97 -4.55 -13.43
C ALA C 216 -12.10 -4.47 -12.19
N LEU C 217 -12.67 -4.82 -11.05
CA LEU C 217 -11.96 -4.82 -9.78
C LEU C 217 -11.94 -6.24 -9.26
N ALA C 218 -10.75 -6.72 -8.88
CA ALA C 218 -10.61 -8.08 -8.37
C ALA C 218 -10.15 -8.15 -6.92
N ALA C 219 -10.59 -9.19 -6.23
CA ALA C 219 -10.24 -9.40 -4.84
C ALA C 219 -10.53 -10.86 -4.48
N ALA C 220 -10.14 -11.27 -3.27
CA ALA C 220 -10.35 -12.63 -2.82
C ALA C 220 -11.44 -12.68 -1.75
N GLN C 221 -12.10 -13.83 -1.66
CA GLN C 221 -13.15 -14.01 -0.66
C GLN C 221 -12.56 -14.35 0.70
N LYS C 222 -13.40 -14.38 1.72
CA LYS C 222 -12.95 -14.68 3.08
C LYS C 222 -12.34 -16.07 3.22
N ASN C 223 -12.84 -17.03 2.46
CA ASN C 223 -12.34 -18.39 2.52
C ASN C 223 -10.99 -18.53 1.81
N PHE C 224 -10.39 -17.39 1.48
CA PHE C 224 -9.11 -17.38 0.79
C PHE C 224 -7.92 -17.49 1.75
N THR C 225 -6.95 -18.32 1.39
CA THR C 225 -5.77 -18.54 2.20
C THR C 225 -4.56 -18.97 1.36
N MET C 226 -3.41 -18.33 1.62
CA MET C 226 -2.19 -18.66 0.90
C MET C 226 -1.28 -19.47 1.81
N LYS C 227 -0.38 -20.25 1.22
CA LYS C 227 0.54 -21.05 2.01
C LYS C 227 1.94 -20.99 1.39
N LEU C 228 2.95 -21.32 2.17
CA LEU C 228 4.33 -21.29 1.71
C LEU C 228 4.69 -19.86 1.28
N CYS C 229 5.72 -19.73 0.47
CA CYS C 229 6.16 -18.41 0.00
C CYS C 229 7.40 -18.53 -0.88
N LYS C 230 7.79 -17.41 -1.50
CA LYS C 230 8.95 -17.38 -2.39
C LYS C 230 9.16 -15.95 -2.88
N ASP C 231 10.19 -15.75 -3.69
CA ASP C 231 10.48 -14.42 -4.25
C ASP C 231 9.55 -14.23 -5.44
N THR C 232 9.14 -13.00 -5.71
CA THR C 232 8.24 -12.73 -6.81
C THR C 232 8.90 -12.95 -8.17
N SER C 233 8.12 -13.51 -9.09
CA SER C 233 8.59 -13.76 -10.44
C SER C 233 7.83 -12.83 -11.38
N HIS C 234 7.02 -11.95 -10.80
CA HIS C 234 6.22 -11.00 -11.56
C HIS C 234 7.04 -9.78 -11.97
N ILE C 235 8.20 -9.62 -11.34
CA ILE C 235 9.08 -8.50 -11.65
C ILE C 235 10.52 -8.85 -11.31
N LEU C 236 11.45 -8.38 -12.13
CA LEU C 236 12.88 -8.62 -11.94
C LEU C 236 13.67 -7.37 -12.31
N GLN C 237 14.64 -7.01 -11.49
CA GLN C 237 15.47 -5.84 -11.74
C GLN C 237 16.51 -6.12 -12.82
N THR C 238 16.52 -5.29 -13.85
CA THR C 238 17.47 -5.45 -14.94
C THR C 238 18.84 -4.86 -14.57
N ALA C 239 18.85 -3.61 -14.14
CA ALA C 239 20.08 -2.92 -13.75
C ALA C 239 20.22 -2.88 -12.23
N SER C 240 21.46 -2.78 -11.75
CA SER C 240 21.73 -2.72 -10.32
C SER C 240 21.42 -1.33 -9.77
N ILE C 241 20.94 -1.29 -8.53
CA ILE C 241 20.58 -0.04 -7.88
C ILE C 241 21.78 0.90 -7.81
N GLN C 242 21.56 2.15 -8.18
CA GLN C 242 22.62 3.16 -8.18
C GLN C 242 22.66 3.88 -6.84
N HIS D 13 16.18 -10.29 35.35
CA HIS D 13 14.70 -10.43 35.24
C HIS D 13 14.23 -10.12 33.82
N GLU D 14 15.08 -9.42 33.07
CA GLU D 14 14.81 -9.00 31.68
C GLU D 14 14.27 -7.60 31.53
N ASN D 15 14.47 -7.05 30.34
CA ASN D 15 14.00 -5.71 30.00
C ASN D 15 12.81 -5.80 29.06
N SER D 16 12.07 -4.70 28.96
CA SER D 16 10.91 -4.64 28.09
C SER D 16 11.22 -3.66 26.96
N ASN D 17 11.92 -4.15 25.95
CA ASN D 17 12.31 -3.35 24.81
C ASN D 17 12.35 -4.17 23.52
N SER D 18 11.18 -4.54 23.02
CA SER D 18 11.14 -5.36 21.81
C SER D 18 10.17 -4.88 20.73
N ALA D 19 10.24 -3.59 20.41
CA ALA D 19 9.38 -3.01 19.37
C ALA D 19 7.90 -3.28 19.64
N THR D 20 7.48 -4.52 19.42
CA THR D 20 6.10 -4.94 19.64
C THR D 20 5.80 -4.92 21.13
N GLU D 21 6.24 -3.84 21.79
CA GLU D 21 6.03 -3.68 23.22
C GLU D 21 4.64 -3.11 23.44
N GLY D 22 3.96 -3.61 24.47
CA GLY D 22 2.62 -3.14 24.75
C GLY D 22 1.69 -3.53 23.61
N SER D 23 2.19 -4.43 22.76
CA SER D 23 1.44 -4.91 21.61
C SER D 23 0.21 -5.69 22.05
N THR D 24 -0.88 -5.54 21.32
CA THR D 24 -2.13 -6.23 21.62
C THR D 24 -1.98 -7.74 21.43
N ILE D 25 -1.20 -8.12 20.42
CA ILE D 25 -0.97 -9.52 20.12
C ILE D 25 -0.08 -10.16 21.19
N ASN D 26 -0.31 -11.43 21.47
CA ASN D 26 0.50 -12.13 22.46
C ASN D 26 1.53 -13.03 21.79
N TYR D 27 2.79 -12.61 21.86
CA TYR D 27 3.88 -13.36 21.27
C TYR D 27 4.57 -14.23 22.33
N THR D 28 4.73 -15.51 22.01
CA THR D 28 5.39 -16.44 22.92
C THR D 28 6.76 -16.72 22.30
N THR D 29 7.79 -16.06 22.84
CA THR D 29 9.14 -16.21 22.30
C THR D 29 10.14 -16.83 23.27
N ILE D 30 11.36 -17.02 22.78
CA ILE D 30 12.45 -17.59 23.56
C ILE D 30 13.59 -16.60 23.58
N ASN D 31 14.10 -16.28 24.77
CA ASN D 31 15.20 -15.34 24.89
C ASN D 31 16.19 -15.78 25.97
N TYR D 32 17.47 -15.72 25.64
CA TYR D 32 18.53 -16.13 26.56
C TYR D 32 19.23 -14.93 27.19
N TYR D 33 19.06 -13.75 26.59
CA TYR D 33 19.72 -12.56 27.11
C TYR D 33 18.83 -11.65 27.94
N LYS D 34 19.42 -10.58 28.46
CA LYS D 34 18.73 -9.62 29.31
C LYS D 34 17.70 -8.78 28.56
N ASP D 35 18.00 -8.44 27.31
CA ASP D 35 17.09 -7.63 26.50
C ASP D 35 16.10 -8.51 25.74
N SER D 36 14.83 -8.14 25.81
CA SER D 36 13.76 -8.88 25.16
C SER D 36 13.76 -8.82 23.63
N TYR D 37 14.45 -7.83 23.06
CA TYR D 37 14.49 -7.70 21.61
C TYR D 37 15.39 -8.73 20.96
N ALA D 38 16.27 -9.33 21.75
CA ALA D 38 17.18 -10.36 21.25
C ALA D 38 16.44 -11.67 21.09
N ALA D 39 15.22 -11.70 21.62
CA ALA D 39 14.38 -12.90 21.57
C ALA D 39 13.89 -13.16 20.15
N THR D 40 13.54 -14.41 19.87
CA THR D 40 13.05 -14.81 18.57
C THR D 40 11.69 -14.17 18.29
N ALA D 41 11.21 -14.31 17.06
CA ALA D 41 9.91 -13.75 16.68
C ALA D 41 8.82 -14.63 17.30
N GLY D 42 9.07 -15.93 17.31
CA GLY D 42 8.14 -16.88 17.89
C GLY D 42 6.71 -16.88 17.40
N LYS D 43 5.89 -17.69 18.07
CA LYS D 43 4.47 -17.85 17.76
C LYS D 43 3.68 -16.61 18.19
N GLN D 44 2.70 -16.22 17.36
CA GLN D 44 1.88 -15.05 17.66
C GLN D 44 0.38 -15.37 17.53
N SER D 45 -0.44 -14.40 17.90
CA SER D 45 -1.90 -14.54 17.83
C SER D 45 -2.40 -14.10 16.45
N LEU D 46 -3.40 -14.81 15.93
CA LEU D 46 -3.95 -14.50 14.61
C LEU D 46 -5.24 -13.68 14.63
N LYS D 47 -5.10 -12.37 14.43
CA LYS D 47 -6.25 -11.48 14.38
C LYS D 47 -6.27 -10.80 13.01
N GLN D 48 -7.45 -10.38 12.58
CA GLN D 48 -7.59 -9.72 11.28
C GLN D 48 -8.68 -8.65 11.32
N ASP D 49 -8.71 -7.82 10.28
CA ASP D 49 -9.71 -6.75 10.18
C ASP D 49 -9.83 -6.29 8.74
N PRO D 50 -10.29 -7.17 7.85
CA PRO D 50 -10.45 -6.85 6.43
C PRO D 50 -11.28 -5.59 6.16
N ASP D 51 -12.07 -5.20 7.15
CA ASP D 51 -12.94 -4.03 7.02
C ASP D 51 -12.24 -2.68 7.01
N LYS D 52 -11.17 -2.54 7.80
CA LYS D 52 -10.44 -1.28 7.85
C LYS D 52 -9.96 -0.88 6.46
N PHE D 53 -9.89 -1.85 5.55
CA PHE D 53 -9.42 -1.58 4.19
C PHE D 53 -10.47 -1.93 3.13
N ALA D 54 -11.30 -2.92 3.39
CA ALA D 54 -12.32 -3.34 2.44
C ALA D 54 -13.60 -2.52 2.55
N ASN D 55 -14.14 -2.40 3.76
CA ASN D 55 -15.37 -1.63 3.99
C ASN D 55 -15.22 -0.48 4.97
N PRO D 56 -14.26 0.43 4.72
CA PRO D 56 -14.07 1.57 5.63
C PRO D 56 -15.12 2.64 5.42
N VAL D 57 -16.34 2.20 5.09
CA VAL D 57 -17.45 3.11 4.86
C VAL D 57 -18.08 3.48 6.20
N LYS D 58 -18.63 4.69 6.29
CA LYS D 58 -19.25 5.14 7.52
C LYS D 58 -20.51 4.32 7.82
N ASP D 59 -21.36 4.20 6.80
CA ASP D 59 -22.60 3.44 6.93
C ASP D 59 -22.44 2.09 6.25
N ILE D 60 -23.10 1.06 6.78
CA ILE D 60 -23.00 -0.29 6.22
C ILE D 60 -24.32 -0.68 5.56
N PHE D 61 -24.24 -1.44 4.47
CA PHE D 61 -25.45 -1.84 3.74
C PHE D 61 -25.82 -3.32 3.83
N THR D 62 -24.89 -4.19 3.42
CA THR D 62 -25.07 -5.63 3.41
C THR D 62 -25.31 -6.08 1.97
N GLU D 63 -24.97 -7.33 1.67
CA GLU D 63 -25.15 -7.86 0.32
C GLU D 63 -26.60 -7.77 -0.14
N MET D 64 -27.51 -8.35 0.65
CA MET D 64 -28.94 -8.35 0.34
C MET D 64 -29.52 -6.99 -0.02
N ALA D 65 -28.88 -5.93 0.48
CA ALA D 65 -29.35 -4.58 0.21
C ALA D 65 -28.63 -3.94 -0.98
N ALA D 66 -29.25 -2.90 -1.53
CA ALA D 66 -28.68 -2.17 -2.66
C ALA D 66 -27.76 -1.08 -2.13
N PRO D 67 -26.49 -1.07 -2.57
CA PRO D 67 -25.49 -0.09 -2.16
C PRO D 67 -26.01 1.35 -2.08
N LEU D 68 -26.59 1.83 -3.17
CA LEU D 68 -27.12 3.18 -3.22
C LEU D 68 -28.63 3.26 -3.11
N LYS D 69 -29.10 3.74 -1.96
CA LYS D 69 -30.54 3.87 -1.70
C LYS D 69 -30.99 5.27 -2.13
#